data_7ARY
#
_entry.id   7ARY
#
_cell.length_a   1.00
_cell.length_b   1.00
_cell.length_c   1.00
_cell.angle_alpha   90.00
_cell.angle_beta   90.00
_cell.angle_gamma   90.00
#
_symmetry.space_group_name_H-M   'P 1'
#
loop_
_entity.id
_entity.type
_entity.pdbx_description
1 polymer 'SCAFFOLD STRAND'
2 polymer 'STAPLE STRAND'
3 polymer 'STAPLE STRAND'
4 polymer 'STAPLE STRAND'
5 polymer 'STAPLE STRAND'
6 polymer 'STAPLE STRAND'
7 polymer 'STAPLE STRAND'
8 polymer 'STAPLE STRAND'
9 polymer 'STAPLE STRAND'
10 polymer 'STAPLE STRAND'
11 polymer 'STAPLE STRAND'
12 polymer 'STAPLE STRAND'
13 polymer 'STAPLE STRAND'
14 polymer 'STAPLE STRAND'
15 polymer 'STAPLE STRAND'
16 polymer 'STAPLE STRAND'
17 polymer 'STAPLE STRAND'
18 polymer 'STAPLE STRAND'
19 polymer 'STAPLE STRAND'
20 polymer 'STAPLE STRAND'
21 polymer 'STAPLE STRAND'
22 polymer 'STAPLE STRAND'
23 polymer 'STAPLE STRAND'
24 polymer 'STAPLE STRAND'
25 polymer 'STAPLE STRAND'
26 polymer 'STAPLE STRAND'
27 polymer 'STAPLE STRAND'
28 polymer 'STAPLE STRAND'
29 polymer 'STAPLE STRAND'
30 polymer 'STAPLE STRAND'
31 polymer 'STAPLE STRAND'
32 polymer 'STAPLE STRAND'
33 polymer 'STAPLE STRAND'
34 polymer 'STAPLE STRAND'
35 polymer 'STAPLE STRAND'
36 polymer 'STAPLE STRAND'
37 polymer 'STAPLE STRAND'
38 polymer 'STAPLE STRAND'
39 polymer 'STAPLE STRAND'
40 polymer 'STAPLE STRAND'
41 polymer 'STAPLE STRAND'
42 polymer 'STAPLE STRAND'
43 polymer 'STAPLE STRAND'
44 polymer 'STAPLE STRAND'
45 polymer 'STAPLE STRAND'
46 polymer 'STAPLE STRAND'
47 polymer 'STAPLE STRAND'
48 polymer 'STAPLE STRAND'
49 polymer 'STAPLE STRAND'
50 polymer 'STAPLE STRAND'
51 polymer 'STAPLE STRAND'
52 polymer 'STAPLE STRAND'
53 polymer 'STAPLE STRAND'
54 polymer 'STAPLE STRAND'
55 polymer 'STAPLE STRAND'
56 polymer 'STAPLE STRAND'
57 polymer 'STAPLE STRAND'
58 polymer 'STAPLE STRAND'
59 polymer 'STAPLE STRAND'
60 polymer 'STAPLE STRAND'
61 polymer 'STAPLE STRAND'
62 polymer 'STAPLE STRAND'
63 polymer 'STAPLE STRAND'
64 polymer 'STAPLE STRAND'
65 polymer 'STAPLE STRAND'
66 polymer 'STAPLE STRAND'
67 polymer 'STAPLE STRAND'
68 polymer 'STAPLE STRAND'
69 polymer 'STAPLE STRAND'
70 polymer 'STAPLE STRAND'
71 polymer 'STAPLE STRAND'
72 polymer 'STAPLE STRAND'
73 polymer 'STAPLE STRAND'
74 polymer 'STAPLE STRAND'
75 polymer 'STAPLE STRAND'
76 polymer 'STAPLE STRAND'
77 polymer 'STAPLE STRAND'
78 polymer 'STAPLE STRAND'
79 polymer 'STAPLE STRAND'
80 polymer 'STAPLE STRAND'
81 polymer 'STAPLE STRAND'
82 polymer 'STAPLE STRAND'
83 polymer 'STAPLE STRAND'
84 polymer 'STAPLE STRAND'
85 polymer 'STAPLE STRAND'
86 polymer 'STAPLE STRAND'
87 polymer 'STAPLE STRAND'
88 polymer 'STAPLE STRAND'
89 polymer 'STAPLE STRAND'
90 polymer 'STAPLE STRAND'
91 polymer 'STAPLE STRAND'
92 polymer 'STAPLE STRAND'
93 polymer 'STAPLE STRAND'
94 polymer 'STAPLE STRAND'
95 polymer 'STAPLE STRAND'
96 polymer 'STAPLE STRAND'
97 polymer 'STAPLE STRAND'
98 polymer 'STAPLE STRAND'
99 polymer 'STAPLE STRAND'
100 polymer 'STAPLE STRAND'
101 polymer 'STAPLE STRAND'
102 polymer 'STAPLE STRAND'
103 polymer 'STAPLE STRAND'
104 polymer 'STAPLE STRAND'
105 polymer 'STAPLE STRAND'
106 polymer 'STAPLE STRAND'
107 polymer 'STAPLE STRAND'
108 polymer 'STAPLE STRAND'
109 polymer 'STAPLE STRAND'
110 polymer 'STAPLE STRAND'
111 polymer 'STAPLE STRAND'
112 polymer 'STAPLE STRAND'
113 polymer 'STAPLE STRAND'
114 polymer 'STAPLE STRAND'
115 polymer 'STAPLE STRAND'
116 polymer 'STAPLE STRAND'
117 polymer 'STAPLE STRAND'
118 polymer 'STAPLE STRAND'
119 polymer 'STAPLE STRAND'
120 polymer 'STAPLE STRAND'
121 polymer 'STAPLE STRAND'
122 polymer 'STAPLE STRAND'
123 polymer 'STAPLE STRAND'
124 polymer 'STAPLE STRAND'
125 polymer 'STAPLE STRAND'
126 polymer 'STAPLE STRAND'
127 polymer 'STAPLE STRAND'
128 polymer 'STAPLE STRAND'
129 polymer 'STAPLE STRAND'
130 polymer 'STAPLE STRAND'
131 polymer 'STAPLE STRAND'
132 polymer 'STAPLE STRAND'
133 polymer 'STAPLE STRAND'
134 polymer 'STAPLE STRAND'
135 polymer 'STAPLE STRAND'
136 polymer 'STAPLE STRAND'
137 polymer 'STAPLE STRAND'
138 polymer 'STAPLE STRAND'
139 polymer 'STAPLE STRAND'
140 polymer 'STAPLE STRAND'
141 polymer 'STAPLE STRAND'
142 polymer 'STAPLE STRAND'
143 polymer 'STAPLE STRAND'
144 polymer 'STAPLE STRAND'
145 polymer 'STAPLE STRAND'
146 polymer 'STAPLE STRAND'
147 polymer 'STAPLE STRAND'
148 polymer 'STAPLE STRAND'
149 polymer 'STAPLE STRAND'
150 polymer 'STAPLE STRAND'
151 polymer 'STAPLE STRAND'
152 polymer 'STAPLE STRAND'
153 polymer 'STAPLE STRAND'
154 polymer 'STAPLE STRAND'
155 polymer 'STAPLE STRAND'
156 polymer 'STAPLE STRAND'
157 polymer 'STAPLE STRAND'
158 polymer 'STAPLE STRAND'
159 polymer 'STAPLE STRAND'
160 polymer 'STAPLE STRAND'
161 polymer 'STAPLE STRAND'
162 polymer 'STAPLE STRAND'
163 polymer 'STAPLE STRAND'
164 polymer 'STAPLE STRAND'
165 polymer 'STAPLE STRAND'
166 polymer 'STAPLE STRAND'
167 polymer 'STAPLE STRAND'
168 polymer 'STAPLE STRAND'
169 polymer 'STAPLE STRAND'
170 polymer 'STAPLE STRAND'
171 polymer 'STAPLE STRAND'
172 polymer 'STAPLE STRAND'
173 polymer 'STAPLE STRAND'
174 polymer 'STAPLE STRAND'
175 polymer 'STAPLE STRAND'
176 polymer 'STAPLE STRAND'
177 polymer 'STAPLE STRAND'
178 polymer 'STAPLE STRAND'
179 polymer 'STAPLE STRAND'
180 polymer 'STAPLE STRAND'
181 polymer 'STAPLE STRAND'
182 polymer 'STAPLE STRAND'
183 polymer 'STAPLE STRAND'
184 polymer 'STAPLE STRAND'
185 polymer 'STAPLE STRAND'
186 polymer 'STAPLE STRAND'
187 polymer 'STAPLE STRAND'
188 polymer 'STAPLE STRAND'
189 polymer 'STAPLE STRAND'
190 polymer 'STAPLE STRAND'
191 polymer 'STAPLE STRAND'
192 polymer 'STAPLE STRAND'
#
loop_
_entity_poly.entity_id
_entity_poly.type
_entity_poly.pdbx_seq_one_letter_code
_entity_poly.pdbx_strand_id
1 'polydeoxyribonucleotide'
;(DT)(DG)(DA)(DT)(DA)(DG)(DA)(DC)(DG)(DG)(DT)(DT)(DT)(DT)(DT)(DC)(DG)(DC)(DC)(DC)
(DT)(DT)(DT)(DG)(DA)(DC)(DG)(DT)(DT)(DG)(DG)(DA)(DG)(DT)(DC)(DC)(DA)(DC)(DG)(DT)
(DT)(DC)(DT)(DT)(DT)(DA)(DA)(DT)(DA)(DG)(DT)(DG)(DG)(DA)(DC)(DT)(DC)(DT)(DT)(DG)
(DT)(DT)(DC)(DC)(DA)(DA)(DA)(DC)(DT)(DG)(DG)(DA)(DA)(DC)(DA)(DA)(DC)(DA)(DC)(DT)
(DC)(DA)(DA)(DC)(DC)(DC)(DT)(DA)(DT)(DC)(DT)(DC)(DG)(DG)(DG)(DC)(DT)(DA)(DT)(DT)
(DC)(DT)(DT)(DT)(DT)(DG)(DA)(DT)(DT)(DT)(DA)(DT)(DA)(DA)(DG)(DG)(DG)(DA)(DT)(DT)
(DT)(DT)(DG)(DC)(DC)(DG)(DA)(DT)(DT)(DT)(DC)(DG)(DG)(DA)(DA)(DC)(DC)(DA)(DC)(DC)
(DA)(DT)(DC)(DA)(DA)(DA)(DC)(DA)(DG)(DG)(DA)(DT)(DT)(DT)(DT)(DC)(DG)(DC)(DC)(DT)
(DG)(DC)(DT)(DG)(DG)(DG)(DG)(DC)(DA)(DA)(DA)(DC)(DC)(DA)(DG)(DC)(DG)(DT)(DG)(DG)
(DA)(DC)(DC)(DG)(DC)(DT)(DT)(DG)(DC)(DT)(DG)(DC)(DA)(DA)(DC)(DT)(DC)(DT)(DC)(DT)
(DC)(DA)(DG)(DG)(DG)(DC)(DC)(DA)(DG)(DG)(DC)(DG)(DG)(DT)(DG)(DA)(DA)(DG)(DG)(DG)
(DC)(DA)(DA)(DT)(DC)(DA)(DG)(DC)(DT)(DG)(DT)(DT)(DG)(DC)(DC)(DC)(DG)(DT)(DC)(DT)
(DC)(DA)(DC)(DT)(DG)(DG)(DT)(DG)(DA)(DA)(DA)(DA)(DG)(DA)(DA)(DA)(DA)(DA)(DC)(DC)
(DA)(DC)(DC)(DC)(DT)(DG)(DG)(DC)(DG)(DC)(DC)(DC)(DA)(DA)(DT)(DA)(DC)(DG)(DC)(DA)
(DA)(DA)(DC)(DC)(DG)(DC)(DC)(DT)(DC)(DT)(DC)(DC)(DC)(DC)(DG)(DC)(DG)(DC)(DG)(DT)
(DT)(DG)(DG)(DC)(DC)(DG)(DA)(DT)(DT)(DC)(DA)(DT)(DT)(DA)(DA)(DT)(DG)(DC)(DA)(DG)
(DC)(DT)(DG)(DG)(DC)(DA)(DC)(DG)(DA)(DC)(DA)(DG)(DG)(DT)(DT)(DT)(DC)(DC)(DC)(DG)
(DA)(DC)(DT)(DG)(DG)(DA)(DA)(DA)(DG)(DC)(DG)(DG)(DG)(DC)(DA)(DG)(DT)(DG)(DA)(DG)
(DC)(DG)(DC)(DA)(DA)(DC)(DG)(DC)(DA)(DA)(DT)(DT)(DA)(DA)(DT)(DG)(DT)(DG)(DA)(DG)
(DT)(DT)(DA)(DG)(DC)(DT)(DC)(DA)(DC)(DT)(DC)(DA)(DT)(DT)(DA)(DG)(DG)(DC)(DA)(DC)
(DC)(DC)(DC)(DA)(DG)(DG)(DC)(DT)(DT)(DT)(DA)(DC)(DA)(DC)(DT)(DT)(DT)(DA)(DT)(DG)
(DC)(DT)(DT)(DC)(DC)(DG)(DG)(DC)(DT)(DC)(DG)(DT)(DA)(DT)(DG)(DT)(DT)(DG)(DT)(DG)
(DT)(DG)(DG)(DA)(DA)(DT)(DT)(DG)(DT)(DG)(DA)(DG)(DC)(DG)(DG)(DA)(DT)(DA)(DA)(DC)
(DA)(DA)(DT)(DT)(DT)(DC)(DA)(DC)(DA)(DC)(DA)(DG)(DG)(DA)(DA)(DA)(DC)(DA)(DG)(DC)
(DT)(DA)(DT)(DG)(DA)(DC)(DC)(DA)(DT)(DG)(DA)(DT)(DT)(DA)(DC)(DG)(DA)(DA)(DT)(DT)
(DC)(DG)(DA)(DG)(DC)(DT)(DC)(DG)(DG)(DT)(DA)(DC)(DC)(DC)(DG)(DG)(DG)(DG)(DA)(DT)
(DC)(DC)(DT)(DC)(DA)(DA)(DC)(DT)(DG)(DT)(DG)(DA)(DG)(DG)(DA)(DG)(DG)(DC)(DT)(DC)
(DA)(DC)(DG)(DG)(DA)(DC)(DG)(DC)(DG)(DA)(DA)(DG)(DA)(DA)(DC)(DA)(DG)(DG)(DC)(DA)
(DC)(DG)(DC)(DG)(DT)(DG)(DC)(DT)(DG)(DG)(DC)(DA)(DG)(DA)(DA)(DA)(DC)(DC)(DC)(DC)
(DC)(DG)(DG)(DT)(DA)(DT)(DG)(DA)(DC)(DC)(DG)(DT)(DG)(DA)(DA)(DA)(DA)(DC)(DG)(DG)
(DC)(DC)(DC)(DG)(DC)(DC)(DG)(DC)(DA)(DT)(DT)(DC)(DT)(DG)(DG)(DC)(DC)(DG)(DC)(DA)
(DG)(DC)(DA)(DC)(DC)(DA)(DC)(DA)(DG)(DA)(DG)(DT)(DG)(DC)(DA)(DC)(DA)(DG)(DG)(DC)
(DG)(DC)(DG)(DC)(DA)(DG)(DT)(DG)(DA)(DC)(DA)(DC)(DT)(DG)(DC)(DG)(DC)(DT)(DG)(DG)
(DA)(DT)(DC)(DG)(DT)(DC)(DT)(DG)(DA)(DT)(DG)(DC)(DA)(DG)(DG)(DG)(DG)(DG)(DC)(DA)
(DC)(DC)(DG)(DG)(DC)(DA)(DC)(DC)(DG)(DC)(DT)(DG)(DG)(DC)(DT)(DG)(DC)(DA)(DG)(DG)
(DT)(DA)(DA)(DC)(DC)(DC)(DG)(DG)(DC)(DA)(DT)(DC)(DT)(DG)(DA)(DT)(DG)(DC)(DC)(DG)
(DT)(DT)(DA)(DA)(DC)(DG)(DA)(DT)(DT)(DT)(DG)(DC)(DT)(DG)(DA)(DA)(DC)(DA)(DC)(DA)
(DC)(DC)(DA)(DG)(DT)(DG)(DT)(DA)(DA)(DG)(DG)(DG)(DA)(DT)(DG)(DT)(DT)(DT)(DA)(DT)
(DG)(DA)(DC)(DG)(DA)(DG)(DC)(DA)(DA)(DA)(DG)(DA)(DA)(DA)(DC)(DC)(DT)(DT)(DT)(DA)
(DC)(DC)(DC)(DA)(DT)(DT)(DA)(DC)(DC)(DA)(DG)(DC)(DC)(DG)(DC)(DA)(DG)(DG)(DG)(DC)
(DA)(DA)(DC)(DA)(DG)(DT)(DG)(DA)(DC)(DC)(DC)(DG)(DG)(DC)(DT)(DC)(DA)(DT)(DA)(DC)
(DC)(DG)(DC)(DA)(DA)(DC)(DC)(DG)(DC)(DG)(DC)(DC)(DC)(DG)(DG)(DC)(DG)(DG)(DA)(DT)
(DT)(DG)(DA)(DG)(DT)(DG)(DC)(DG)(DA)(DA)(DA)(DG)(DC)(DG)(DC)(DC)(DT)(DG)(DC)(DA)
(DA)(DT)(DG)(DA)(DC)(DC)(DC)(DC)(DG)(DC)(DT)(DG)(DA)(DT)(DG)(DC)(DT)(DG)(DG)(DA)
(DC)(DA)(DC)(DC)(DT)(DC)(DC)(DA)(DG)(DC)(DC)(DG)(DT)(DA)(DA)(DG)(DC)(DT)(DG)(DG)
(DT)(DT)(DG)(DC)(DG)(DT)(DG)(DG)(DG)(DA)(DT)(DG)(DG)(DC)(DA)(DC)(DC)(DA)(DC)(DC)
(DG)(DA)(DC)(DG)(DG)(DT)(DG)(DC)(DT)(DG)(DC)(DC)(DG)(DT)(DT)(DG)(DG)(DC)(DA)(DT)
(DT)(DC)(DT)(DT)(DG)(DC)(DG)(DG)(DT)(DT)(DG)(DC)(DT)(DG)(DC)(DT)(DG)(DA)(DC)(DC)
(DA)(DG)(DA)(DC)(DC)(DA)(DG)(DC)(DA)(DC)(DC)(DA)(DC)(DG)(DC)(DT)(DG)(DA)(DC)(DG)
(DT)(DT)(DC)(DT)(DA)(DC)(DA)(DA)(DG)(DT)(DC)(DC)(DG)(DG)(DC)(DA)(DC)(DG)(DT)(DT)
(DC)(DC)(DG)(DT)(DT)(DA)(DT)(DG)(DA)(DG)(DG)(DA)(DT)(DG)(DT)(DG)(DC)(DT)(DC)(DT)
(DG)(DG)(DC)(DC)(DG)(DG)(DA)(DG)(DG)(DC)(DT)(DG)(DC)(DC)(DA)(DG)(DC)(DG)(DA)(DC)
(DG)(DA)(DG)(DA)(DC)(DG)(DA)(DA)(DA)(DA)(DA)(DA)(DC)(DG)(DG)(DA)(DC)(DC)(DG)(DC)
(DG)(DT)(DT)(DT)(DG)(DC)(DC)(DG)(DG)(DA)(DA)(DC)(DG)(DG)(DC)(DA)(DA)(DT)(DC)(DA)
(DG)(DC)(DA)(DT)(DC)(DG)(DT)(DT)(DT)(DA)(DA)(DC)(DT)(DT)(DT)(DA)(DC)(DC)(DC)(DT)
(DT)(DC)(DA)(DT)(DC)(DA)(DC)(DT)(DA)(DA)(DA)(DG)(DG)(DC)(DC)(DG)(DC)(DC)(DT)(DG)
(DT)(DG)(DC)(DG)(DG)(DC)(DT)(DT)(DT)(DT)(DT)(DT)(DT)(DA)(DC)(DG)(DG)(DG)(DA)(DT)
(DT)(DT)(DT)(DT)(DT)(DT)(DA)(DT)(DG)(DT)(DC)(DG)(DA)(DT)(DG)(DT)(DA)(DC)(DA)(DC)
(DA)(DA)(DC)(DC)(DG)(DC)(DC)(DC)(DA)(DA)(DC)(DT)(DG)(DC)(DT)(DG)(DG)(DC)(DG)(DG)
(DC)(DA)(DA)(DA)(DT)(DG)(DA)(DG)(DC)(DA)(DG)(DA)(DA)(DA)(DT)(DT)(DT)(DA)(DA)(DG)
(DT)(DT)(DT)(DG)(DA)(DT)(DC)(DC)(DG)(DC)(DT)(DG)(DT)(DT)(DT)(DC)(DT)(DG)(DC)(DG)
(DT)(DC)(DT)(DC)(DT)(DT)(DT)(DT)(DT)(DC)(DC)(DG)(DT)(DG)(DA)(DG)(DA)(DG)(DC)(DT)
(DA)(DT)(DC)(DC)(DC)(DT)(DT)(DC)(DA)(DC)(DC)(DA)(DC)(DG)(DG)(DA)(DG)(DA)(DA)(DA)
(DG)(DT)(DC)(DT)(DA)(DT)(DC)(DT)(DC)(DT)(DC)(DA)(DC)(DA)(DA)(DA)(DT)(DT)(DC)(DC)
(DG)(DG)(DG)(DA)(DC)(DT)(DG)(DG)(DT)(DA)(DA)(DA)(DC)(DA)(DT)(DG)(DG)(DC)(DG)(DC)
(DT)(DG)(DT)(DA)(DC)(DG)(DT)(DT)(DT)(DC)(DG)(DC)(DC)(DG)(DA)(DT)(DT)(DG)(DT)(DT)
(DT)(DC)(DC)(DG)(DG)(DT)(DG)(DA)(DG)(DG)(DT)(DT)(DA)(DT)(DC)(DC)(DG)(DT)(DT)(DC)
(DC)(DC)(DG)(DT)(DG)(DG)(DC)(DG)(DG)(DC)(DT)(DC)(DC)(DA)(DC)(DC)(DT)(DC)(DT)(DG)
(DA)(DA)(DA)(DG)(DC)(DT)(DT)(DG)(DG)(DC)(DA)(DC)(DT)(DG)(DG)(DC)(DC)(DG)(DT)(DC)
(DG)(DT)(DT)(DT)(DT)(DA)(DC)(DA)(DA)(DC)(DG)(DT)(DC)(DG)(DT)(DG)(DA)(DC)(DT)(DG)
(DG)(DG)(DA)(DA)(DA)(DA)(DC)(DC)(DC)(DT)(DG)(DG)(DC)(DG)(DT)(DT)(DA)(DC)(DC)(DC)
(DA)(DA)(DC)(DT)(DT)(DA)(DA)(DT)(DC)(DG)(DC)(DC)(DT)(DT)(DG)(DC)(DA)(DG)(DC)(DA)
(DC)(DA)(DT)(DC)(DC)(DC)(DC)(DC)(DT)(DT)(DT)(DC)(DG)(DC)(DC)(DA)(DG)(DC)(DT)(DG)
(DG)(DC)(DG)(DT)(DA)(DA)(DT)(DA)(DG)(DC)(DG)(DA)(DA)(DG)(DA)(DG)(DG)(DC)(DC)(DC)
(DG)(DC)(DA)(DC)(DC)(DG)(DA)(DT)(DC)(DG)(DC)(DC)(DC)(DT)(DT)(DC)(DC)(DC)(DA)(DA)
(DC)(DA)(DG)(DT)(DT)(DG)(DC)(DG)(DC)(DA)(DG)(DC)(DC)(DT)(DG)(DA)(DA)(DT)(DG)(DG)
(DC)(DG)(DA)(DA)(DT)(DG)(DG)(DC)(DG)(DC)(DT)(DT)(DT)(DG)(DC)(DC)(DT)(DG)(DG)(DT)
(DT)(DT)(DC)(DC)(DG)(DG)(DC)(DA)(DC)(DC)(DA)(DG)(DA)(DA)(DG)(DC)(DG)(DG)(DT)(DG)
(DC)(DC)(DG)(DG)(DA)(DA)(DA)(DG)(DC)(DT)(DG)(DG)(DC)(DT)(DG)(DG)(DA)(DG)(DT)(DG)
(DC)(DG)(DA)(DT)(DC)(DT)(DT)(DC)(DC)(DT)(DG)(DA)(DG)(DG)(DC)(DC)(DG)(DA)(DT)(DA)
(DC)(DT)(DG)(DT)(DC)(DG)(DT)(DC)(DG)(DT)(DC)(DC)(DC)(DC)(DT)(DC)(DA)(DA)(DA)(DC)
(DT)(DG)(DG)(DC)(DA)(DG)(DA)(DT)(DG)(DC)(DA)(DC)(DG)(DG)(DT)(DT)(DA)(DC)(DG)(DA)
(DT)(DG)(DC)(DG)(DC)(DC)(DC)(DA)(DT)(DC)(DT)(DA)(DC)(DA)(DC)(DC)(DA)(DA)(DC)(DG)
(DT)(DG)(DA)(DC)(DC)(DT)(DA)(DT)(DC)(DC)(DC)(DA)(DT)(DT)(DA)(DC)(DG)(DG)(DT)(DC)
(DA)(DA)(DT)(DC)(DC)(DG)(DC)(DC)(DG)(DT)(DT)(DT)(DG)(DT)(DT)(DC)(DC)(DC)(DA)(DC)
(DG)(DG)(DA)(DG)(DA)(DA)(DT)(DC)(DC)(DG)(DA)(DC)(DG)(DG)(DG)(DT)(DT)(DG)(DT)(DT)
(DA)(DC)(DT)(DC)(DG)(DC)(DT)(DC)(DA)(DC)(DA)(DT)(DT)(DT)(DA)(DA)(DT)(DG)(DT)(DT)
(DG)(DA)(DT)(DG)(DA)(DA)(DA)(DG)(DC)(DT)(DG)(DG)(DC)(DT)(DA)(DC)(DA)(DG)(DG)(DA)
(DA)(DG)(DG)(DC)(DC)(DA)(DG)(DA)(DC)(DG)(DC)(DG)(DA)(DA)(DT)(DT)(DA)(DT)(DT)(DT)
(DT)(DT)(DG)(DA)(DT)(DG)(DG)(DC)(DG)(DT)(DT)(DC)(DC)(DT)(DA)(DT)(DT)(DG)(DG)(DT)
(DT)(DA)(DA)(DA)(DA)(DA)(DA)(DT)(DG)(DA)(DG)(DC)(DT)(DG)(DA)(DT)(DT)(DT)(DA)(DA)
(DC)(DA)(DA)(DA)(DA)(DA)(DT)(DT)(DT)(DA)(DA)(DT)(DG)(DC)(DG)(DA)(DA)(DT)(DT)(DT)
(DT)(DA)(DA)(DC)(DA)(DA)(DA)(DA)(DT)(DA)(DT)(DT)(DA)(DA)(DC)(DG)(DT)(DT)(DT)(DA)
(DC)(DA)(DA)(DT)(DT)(DT)(DA)(DA)(DA)(DT)(DA)(DT)(DT)(DT)(DG)(DC)(DT)(DT)(DA)(DT)
(DA)(DC)(DA)(DA)(DT)(DC)(DT)(DT)(DC)(DC)(DT)(DG)(DT)(DT)(DT)(DT)(DT)(DG)(DG)(DG)
(DG)(DC)(DT)(DT)(DT)(DT)(DC)(DT)(DG)(DA)(DT)(DT)(DA)(DT)(DC)(DA)(DA)(DC)(DC)(DG)
(DG)(DG)(DG)(DT)(DA)(DC)(DA)(DT)(DA)(DT)(DG)(DA)(DT)(DT)(DG)(DA)(DC)(DA)(DT)(DG)
(DC)(DT)(DA)(DG)(DT)(DT)(DT)(DT)(DA)(DC)(DG)(DA)(DT)(DT)(DA)(DC)(DC)(DG)(DT)(DT)
(DC)(DA)(DT)(DC)(DG)(DA)(DT)(DT)(DC)(DT)(DC)(DT)(DT)(DG)(DT)(DT)(DT)(DG)(DC)(DT)
(DC)(DC)(DA)(DG)(DA)(DC)(DT)(DC)(DT)(DC)(DA)(DG)(DG)(DC)(DA)(DA)(DT)(DG)(DA)(DC)
(DC)(DT)(DG)(DA)(DT)(DA)(DG)(DC)(DC)(DT)(DT)(DT)(DG)(DT)(DA)(DG)(DA)(DT)(DC)(DT)
(DC)(DT)(DC)(DA)(DA)(DA)(DA)(DA)(DT)(DA)(DG)(DC)(DT)(DA)(DC)(DC)(DC)(DT)(DC)(DT)
(DC)(DC)(DG)(DG)(DC)(DA)(DT)(DT)(DA)(DA)(DT)(DT)(DT)(DA)(DT)(DC)(DA)(DG)(DC)(DT)
(DA)(DG)(DA)(DA)(DC)(DG)(DG)(DT)(DT)(DG)(DA)(DA)(DT)(DA)(DT)(DC)(DA)(DT)(DA)(DT)
(DT)(DG)(DA)(DT)(DG)(DG)(DT)(DG)(DA)(DT)(DT)(DT)(DG)(DA)(DC)(DT)(DG)(DT)(DC)(DT)
(DC)(DC)(DG)(DG)(DC)(DC)(DT)(DT)(DT)(DC)(DT)(DC)(DA)(DC)(DC)(DC)(DT)(DT)(DT)(DT)
(DG)(DA)(DA)(DT)(DC)(DT)(DT)(DT)(DA)(DC)(DC)(DT)(DA)(DC)(DA)(DC)(DA)(DT)(DT)(DA)
(DC)(DT)(DC)(DA)(DG)(DG)(DC)(DA)(DT)(DT)(DG)(DC)(DA)(DT)(DT)(DT)(DA)(DA)(DA)(DA)
(DT)(DA)(DT)(DA)(DT)(DG)(DA)(DG)(DG)(DG)(DT)(DT)(DC)(DT)(DA)(DA)(DA)(DA)(DA)(DT)
(DT)(DT)(DT)(DT)(DA)(DT)(DC)(DC)(DT)(DT)(DG)(DC)(DG)(DT)(DT)(DG)(DA)(DA)(DA)(DT)
(DA)(DA)(DA)(DG)(DG)(DC)(DT)(DT)(DC)(DT)(DC)(DC)(DC)(DG)(DC)(DA)(DA)(DA)(DA)(DG)
(DT)(DA)(DT)(DT)(DA)(DC)(DA)(DG)(DG)(DG)(DT)(DC)(DA)(DT)(DA)(DA)(DT)(DG)(DT)(DT)
(DT)(DT)(DT)(DG)(DG)(DT)(DA)(DC)(DA)(DA)(DC)(DC)(DG)(DA)(DT)(DT)(DT)(DA)(DG)(DC)
(DT)(DT)(DT)(DA)(DT)(DG)(DC)(DT)(DC)(DT)(DG)(DA)(DG)(DG)(DC)(DT)(DT)(DT)(DA)(DT)
(DT)(DG)(DC)(DT)(DT)(DA)(DA)(DT)(DT)(DT)(DT)(DG)(DC)(DT)(DA)(DA)(DT)(DT)(DC)(DT)
(DT)(DT)(DG)(DC)(DC)(DT)(DT)(DG)(DC)(DC)(DT)(DG)(DT)(DA)(DT)(DG)(DA)(DT)(DT)(DT)
(DA)(DT)(DT)(DG)(DG)(DA)(DT)(DG)(DT)(DT)(DA)(DA)(DT)(DG)(DC)(DT)(DA)(DC)(DT)(DA)
(DC)(DT)(DA)(DT)(DT)(DA)(DG)(DT)(DA)(DG)(DA)(DA)(DT)(DT)(DG)(DA)(DT)(DG)(DC)(DC)
(DA)(DC)(DC)(DT)(DT)(DT)(DT)(DC)(DA)(DG)(DC)(DT)(DC)(DG)(DC)(DG)(DC)(DC)(DC)(DC)
(DA)(DA)(DA)(DT)(DG)(DA)(DA)(DA)(DA)(DT)(DA)(DT)(DA)(DG)(DC)(DT)(DA)(DA)(DA)(DC)
(DA)(DG)(DG)(DT)(DT)(DA)(DT)(DT)(DG)(DA)(DC)(DC)(DA)(DT)(DT)(DT)(DG)(DC)(DG)(DA)
(DA)(DA)(DT)(DG)(DT)(DA)(DT)(DC)(DT)(DA)(DA)(DT)(DG)(DG)(DT)(DC)(DA)(DA)(DA)(DC)
(DT)(DA)(DA)(DA)(DT)(DC)(DT)(DA)(DC)(DT)(DC)(DG)(DT)(DT)(DC)(DG)(DC)(DA)(DG)(DA)
(DA)(DT)(DT)(DG)(DG)(DG)(DA)(DA)(DT)(DC)(DA)(DA)(DC)(DT)(DG)(DT)(DT)(DA)(DT)(DA)
(DT)(DG)(DG)(DA)(DA)(DT)(DG)(DA)(DA)(DA)(DC)(DT)(DT)(DC)(DC)(DA)(DG)(DA)(DC)(DA)
(DC)(DC)(DG)(DT)(DA)(DC)(DT)(DT)(DT)(DA)(DG)(DT)(DT)(DG)(DC)(DA)(DT)(DA)(DT)(DT)
(DT)(DA)(DA)(DA)(DA)(DC)(DA)(DT)(DG)(DT)(DT)(DG)(DA)(DG)(DC)(DT)(DA)(DC)(DA)(DG)
(DC)(DA)(DT)(DT)(DA)(DT)(DA)(DT)(DT)(DC)(DA)(DG)(DC)(DA)(DA)(DT)(DT)(DA)(DA)(DG)
(DC)(DT)(DC)(DT)(DA)(DA)(DG)(DC)(DC)(DA)(DT)(DC)(DC)(DG)(DC)(DA)(DA)(DA)(DA)(DA)
(DT)(DG)(DA)(DC)(DC)(DT)(DC)(DT)(DT)(DA)(DT)(DC)(DA)(DA)(DA)(DA)(DG)(DG)(DA)(DG)
(DC)(DA)(DA)(DT)(DT)(DA)(DA)(DA)(DG)(DG)(DT)(DA)(DC)(DT)(DC)(DT)(DC)(DT)(DA)(DA)
(DT)(DC)(DC)(DT)(DG)(DA)(DC)(DC)(DT)(DG)(DT)(DT)(DG)(DG)(DA)(DG)(DT)(DT)(DT)(DG)
(DC)(DT)(DT)(DC)(DC)(DG)(DG)(DT)(DC)(DT)(DG)(DG)(DT)(DT)(DC)(DG)(DC)(DT)(DT)(DT)
(DG)(DA)(DA)(DG)(DC)(DT)(DC)(DG)(DA)(DA)(DT)(DT)(DA)(DA)(DA)(DA)(DC)(DG)(DC)(DG)
(DA)(DT)(DA)(DT)(DT)(DT)(DG)(DA)(DA)(DG)(DT)(DC)(DT)(DT)(DT)(DC)(DG)(DG)(DG)(DC)
(DT)(DT)(DC)(DC)(DT)(DC)(DT)(DT)(DA)(DA)(DT)(DC)(DT)(DT)(DT)(DT)(DT)(DG)(DA)(DT)
(DG)(DC)(DA)(DA)(DT)(DC)(DC)(DG)(DC)(DT)(DT)(DT)(DG)(DC)(DT)(DT)(DC)(DT)(DG)(DA)
(DC)(DT)(DA)(DT)(DA)(DA)(DT)(DA)(DG)(DT)(DC)(DA)(DG)(DG)(DG)(DT)(DA)(DA)(DA)(DG)
(DA)(DC)(DC)(DT)(DG)(DA)(DT)(DT)(DT)(DT)(DT)(DG)(DA)(DT)(DT)(DT)(DA)(DT)(DG)(DG)
(DT)(DC)(DA)(DT)(DT)(DC)(DT)(DC)(DG)(DT)(DT)(DT)(DT)(DC)(DT)(DG)(DA)(DA)(DC)(DT)
(DG)(DT)(DT)(DT)(DA)(DA)(DA)(DG)(DC)(DA)(DT)(DT)(DT)(DG)(DA)(DG)(DG)(DG)(DG)(DG)
(DA)(DT)(DT)(DC)(DA)(DA)(DT)(DG)(DA)(DA)(DT)(DA)(DT)(DT)(DT)(DA)(DT)(DG)(DA)(DC)
(DG)(DA)(DT)(DT)(DC)(DC)(DG)(DC)(DA)(DG)(DT)(DA)(DT)(DT)(DG)(DG)(DA)(DC)(DG)(DC)
(DT)(DA)(DT)(DC)(DC)(DA)(DG)(DT)(DC)(DT)(DA)(DA)(DA)(DC)(DA)(DT)(DT)(DT)(DT)(DA)
(DC)(DT)(DA)(DT)(DT)(DA)(DC)(DC)(DC)(DC)(DC)(DT)(DC)(DT)(DG)(DG)(DC)(DA)(DA)(DA)
(DA)(DC)(DT)(DT)(DC)(DT)(DT)(DT)(DT)(DG)(DC)(DA)(DA)(DA)(DA)(DG)(DC)(DC)(DT)(DC)
(DT)(DC)(DG)(DC)(DT)(DA)(DT)(DT)(DT)(DT)(DG)(DG)(DT)(DT)(DT)(DT)(DT)(DA)(DT)(DC)
(DG)(DT)(DC)(DG)(DT)(DC)(DT)(DG)(DG)(DT)(DA)(DA)(DA)(DC)(DG)(DA)(DG)(DG)(DG)(DT)
(DT)(DA)(DT)(DG)(DA)(DT)(DA)(DG)(DT)(DG)(DT)(DT)(DG)(DC)(DT)(DC)(DT)(DT)(DA)(DC)
(DT)(DA)(DT)(DG)(DC)(DC)(DT)(DC)(DG)(DT)(DA)(DA)(DT)(DT)(DC)(DC)(DT)(DT)(DT)(DT)
(DG)(DG)(DC)(DG)(DT)(DT)(DA)(DT)(DG)(DT)(DA)(DT)(DC)(DT)(DG)(DC)(DA)(DT)(DT)(DA)
(DG)(DT)(DT)(DG)(DA)(DA)(DT)(DG)(DT)(DG)(DG)(DT)(DA)(DT)(DT)(DC)(DC)(DT)(DA)(DA)
(DA)(DT)(DC)(DT)(DC)(DA)(DA)(DC)(DT)(DG)(DA)(DT)(DG)(DA)(DA)(DT)(DC)(DT)(DT)(DT)
(DC)(DT)(DA)(DC)(DC)(DT)(DG)(DT)(DA)(DA)(DT)(DA)(DA)(DT)(DG)(DT)(DT)(DG)(DT)(DT)
(DC)(DC)(DG)(DT)(DT)(DA)(DG)(DT)(DT)(DC)(DG)(DT)(DT)(DT)(DT)(DA)(DT)(DT)(DA)(DA)
(DC)(DG)(DT)(DA)(DG)(DA)(DT)(DT)(DT)(DT)(DT)(DC)(DT)(DT)(DC)(DC)(DC)(DA)(DA)(DC)
(DG)(DT)(DC)(DC)(DT)(DG)(DA)(DC)(DT)(DG)(DG)(DT)(DA)(DT)(DA)(DA)(DT)(DG)(DA)(DG)
(DC)(DC)(DA)(DG)(DT)(DT)(DC)(DT)(DT)(DA)(DA)(DA)(DA)(DT)(DC)(DG)(DC)(DA)(DT)(DA)
(DA)(DG)(DG)(DT)(DA)(DA)(DT)(DT)(DC)(DA)(DC)(DA)(DA)(DT)(DG)(DA)(DT)(DT)(DA)(DA)
(DA)(DG)(DT)(DT)(DG)(DA)(DA)(DA)(DT)(DT)(DA)(DA)(DA)(DC)(DC)(DA)(DT)(DC)(DT)(DC)
(DA)(DA)(DG)(DC)(DC)(DC)(DA)(DA)(DT)(DT)(DT)(DA)(DC)(DT)(DA)(DC)(DT)(DC)(DG)(DT)
(DT)(DC)(DT)(DG)(DG)(DT)(DG)(DT)(DT)(DT)(DC)(DT)(DC)(DG)(DT)(DC)(DA)(DG)(DG)(DG)
(DC)(DA)(DA)(DG)(DC)(DC)(DT)(DT)(DA)(DT)(DT)(DC)(DA)(DC)(DT)(DG)(DA)(DA)(DT)(DG)
(DA)(DG)(DC)(DA)(DG)(DC)(DT)(DT)(DT)(DG)(DT)(DT)(DA)(DC)(DG)(DT)(DT)(DG)(DA)(DT)
(DT)(DT)(DG)(DG)(DG)(DT)(DA)(DA)(DT)(DG)(DA)(DA)(DT)(DA)(DT)(DC)(DC)(DG)(DG)(DT)
(DT)(DC)(DT)(DT)(DG)(DT)(DC)(DA)(DA)(DG)(DA)(DT)(DT)(DA)(DC)(DT)(DC)(DT)(DT)(DG)
(DA)(DT)(DG)(DA)(DA)(DG)(DG)(DT)(DC)(DA)(DG)(DC)(DC)(DA)(DG)(DC)(DC)(DT)(DA)(DT)
(DG)(DC)(DG)(DC)(DC)(DT)(DG)(DG)(DT)(DC)(DT)(DG)(DT)(DA)(DC)(DA)(DC)(DC)(DG)(DT)
(DT)(DC)(DA)(DT)(DC)(DT)(DG)(DT)(DC)(DC)(DT)(DC)(DT)(DT)(DT)(DC)(DA)(DA)(DA)(DG)
(DT)(DT)(DG)(DG)(DT)(DC)(DA)(DG)(DT)(DT)(DC)(DG)(DG)(DT)(DT)(DC)(DC)(DC)(DT)(DT)
(DA)(DT)(DG)(DA)(DT)(DT)(DG)(DA)(DC)(DC)(DG)(DT)(DC)(DT)(DG)(DC)(DG)(DC)(DC)(DT)
(DC)(DG)(DT)(DT)(DC)(DC)(DG)(DG)(DC)(DT)(DA)(DA)(DG)(DT)(DA)(DA)(DC)(DA)(DT)(DG)
(DG)(DA)(DG)(DC)(DA)(DG)(DG)(DT)(DC)(DG)(DC)(DG)(DG)(DA)(DT)(DT)(DT)(DC)(DG)(DA)
(DC)(DA)(DC)(DA)(DA)(DT)(DT)(DT)(DA)(DT)(DC)(DA)(DG)(DG)(DC)(DG)(DA)(DT)(DG)(DA)
(DT)(DA)(DC)(DA)(DA)(DA)(DT)(DC)(DT)(DC)(DC)(DG)(DT)(DT)(DG)(DT)(DA)(DC)(DT)(DT)
(DT)(DG)(DT)(DT)(DT)(DC)(DG)(DC)(DG)(DC)(DT)(DT)(DG)(DG)(DT)(DA)(DT)(DA)(DA)(DT)
(DC)(DG)(DC)(DT)(DG)(DG)(DG)(DG)(DG)(DT)(DC)(DA)(DA)(DA)(DG)(DA)(DT)(DG)(DA)(DG)
(DT)(DG)(DT)(DT)(DT)(DT)(DA)(DG)(DT)(DG)(DT)(DA)(DT)(DT)(DC)(DT)(DT)(DT)(DT)(DG)
(DC)(DC)(DT)(DC)(DT)(DT)(DT)(DC)(DG)(DT)(DT)(DT)(DT)(DA)(DG)(DG)(DT)(DT)(DG)(DG)
(DT)(DG)(DC)(DC)(DT)(DT)(DC)(DG)(DT)(DA)(DG)(DT)(DG)(DG)(DC)(DA)(DT)(DT)(DA)(DC)
(DG)(DT)(DA)(DT)(DT)(DT)(DT)(DA)(DC)(DC)(DC)(DG)(DT)(DT)(DT)(DA)(DA)(DT)(DG)(DG)
(DA)(DA)(DA)(DC)(DT)(DT)(DC)(DC)(DT)(DC)(DA)(DT)(DG)(DA)(DA)(DA)(DA)(DA)(DG)(DT)
(DC)(DT)(DT)(DT)(DA)(DG)(DT)(DC)(DC)(DT)(DC)(DA)(DA)(DA)(DG)(DC)(DC)(DT)(DC)(DT)
(DG)(DT)(DA)(DG)(DC)(DC)(DG)(DT)(DT)(DG)(DC)(DT)(DA)(DC)(DC)(DC)(DT)(DC)(DG)(DT)
(DT)(DC)(DC)(DG)(DA)(DT)(DG)(DC)(DT)(DG)(DT)(DC)(DT)(DT)(DT)(DC)(DG)(DC)(DT)(DG)
(DC)(DT)(DG)(DA)(DG)(DG)(DG)(DT)(DG)(DA)(DC)(DG)(DA)(DT)(DC)(DC)(DC)(DG)(DC)(DA)
(DA)(DA)(DA)(DG)(DC)(DG)(DG)(DC)(DC)(DT)(DT)(DT)(DA)(DA)(DC)(DT)(DC)(DC)(DC)(DT)
(DG)(DC)(DA)(DA)(DG)(DC)(DC)(DT)(DC)(DA)(DG)(DC)(DG)(DA)(DC)(DC)(DG)(DA)(DA)(DT)
(DA)(DT)(DA)(DT)(DC)(DG)(DG)(DT)(DT)(DA)(DT)(DG)(DC)(DG)(DT)(DG)(DG)(DG)(DC)(DG)
(DA)(DT)(DG)(DG)(DT)(DT)(DG)(DT)(DT)(DG)(DT)(DC)(DA)(DT)(DT)(DG)(DT)(DC)(DG)(DG)
(DC)(DG)(DC)(DA)(DA)(DC)(DT)(DA)(DT)(DC)(DG)(DG)(DT)(DA)(DT)(DC)(DA)(DA)(DG)(DC)
(DT)(DG)(DT)(DT)(DT)(DA)(DA)(DG)(DA)(DA)(DA)(DT)(DT)(DC)(DA)(DC)(DC)(DT)(DC)(DG)
(DA)(DA)(DA)(DG)(DC)(DA)(DA)(DG)(DC)(DT)(DG)(DA)(DT)(DA)(DA)(DA)(DC)(DC)(DG)(DA)
(DT)(DA)(DC)(DA)(DA)(DT)(DT)(DA)(DA)(DA)(DG)(DG)(DC)(DT)(DC)(DC)(DT)(DT)(DT)(DT)
(DG)(DG)(DA)(DG)(DC)(DC)(DT)(DT)(DT)(DT)(DT)(DT)(DT)(DT)(DG)(DG)(DA)(DG)(DA)(DT)
(DT)(DT)(DT)(DC)(DA)(DA)(DC)(DG)(DT)(DG)(DA)(DA)(DA)(DA)(DA)(DA)(DT)(DT)(DA)(DT)
(DT)(DA)(DT)(DT)(DC)(DG)(DC)(DA)(DA)(DT)(DT)(DC)(DC)(DT)(DT)(DT)(DA)(DG)(DT)(DT)
(DG)(DT)(DT)(DC)(DC)(DT)(DT)(DT)(DC)(DT)(DA)(DT)(DT)(DC)(DT)(DC)(DA)(DC)(DT)(DC)
(DC)(DG)(DC)(DT)(DG)(DA)(DA)(DA)(DC)(DT)(DG)(DT)(DT)(DG)(DA)(DA)(DA)(DG)(DT)(DT)
(DG)(DT)(DT)(DT)(DA)(DG)(DC)(DA)(DA)(DA)(DA)(DT)(DC)(DC)(DC)(DA)(DT)(DA)(DC)(DA)
(DG)(DA)(DA)(DA)(DA)(DT)(DT)(DC)(DA)(DT)(DT)(DT)(DA)(DC)(DT)(DA)(DA)(DC)(DG)(DT)
(DC)(DT)(DG)(DG)(DA)(DA)(DA)(DG)(DA)(DC)(DG)(DA)(DC)(DA)(DA)(DA)(DA)(DC)(DT)(DT)
(DT)(DA)(DG)(DA)(DT)(DC)(DG)(DT)(DT)(DA)(DC)(DG)(DC)(DT)(DA)(DA)(DC)(DT)(DA)(DT)
(DG)(DA)(DG)(DG)(DG)(DC)(DT)(DG)(DT)(DC)(DT)(DG)(DT)(DG)(DG)(DA)(DA)(DT)(DG)(DC)
(DT)(DA)(DC)(DA)(DG)(DG)(DC)(DG)(DT)(DT)(DG)(DT)(DA)(DG)(DT)(DT)(DT)(DG)(DT)(DA)
(DC)(DT)(DG)(DG)(DT)(DG)(DA)(DC)(DG)(DA)(DA)(DA)(DC)(DT)(DC)(DA)(DG)(DT)(DG)(DT)
(DT)(DA)(DC)(DG)(DG)(DT)(DA)(DC)(DA)(DT)(DG)(DG)(DG)(DT)(DT)(DC)(DC)(DT)(DA)(DT)
(DT)(DG)(DG)(DG)(DC)(DT)(DT)(DG)(DC)(DT)(DA)(DT)(DC)(DC)(DC)(DT)(DG)(DA)(DA)(DA)
(DA)(DT)(DG)(DA)(DG)(DG)(DG)(DT)(DG)(DG)(DT)(DG)(DG)(DC)(DT)(DC)(DT)(DG)(DA)(DG)
(DG)(DG)(DT)(DG)(DG)(DC)(DG)(DG)(DT)(DT)(DC)(DT)(DG)(DA)(DG)(DG)(DG)(DT)(DG)(DG)
(DC)(DG)(DG)(DT)(DT)(DC)(DT)(DG)(DA)(DG)(DG)(DG)(DT)(DG)(DG)(DC)(DG)(DG)(DT)(DA)
(DC)(DT)(DA)(DA)(DA)(DC)(DC)(DT)(DC)(DC)(DT)(DG)(DA)(DG)(DT)(DA)(DC)(DG)(DG)(DT)
(DG)(DA)(DT)(DA)(DC)(DA)(DC)(DC)(DT)(DA)(DT)(DT)(DC)(DC)(DG)(DG)(DG)(DC)(DT)(DA)
(DT)(DA)(DC)(DT)(DT)(DA)(DT)(DA)(DT)(DC)(DA)(DA)(DC)(DC)(DC)(DT)(DC)(DT)(DC)(DG)
(DA)(DC)(DG)(DG)(DC)(DA)(DC)(DT)(DT)(DA)(DT)(DC)(DC)(DG)(DC)(DC)(DT)(DG)(DG)(DT)
(DA)(DC)(DT)(DG)(DA)(DG)(DC)(DA)(DA)(DA)(DA)(DC)(DC)(DC)(DC)(DG)(DC)(DT)(DA)(DA)
(DT)(DC)(DC)(DT)(DA)(DA)(DT)(DC)(DC)(DT)(DT)(DC)(DT)(DC)(DT)(DT)(DG)(DA)(DG)(DG)
(DA)(DG)(DT)(DC)(DT)(DC)(DA)(DG)(DC)(DC)(DT)(DC)(DT)(DT)(DA)(DA)(DT)(DA)(DC)(DT)
(DT)(DT)(DC)(DA)(DT)(DG)(DT)(DT)(DT)(DC)(DA)(DG)(DA)(DA)(DT)(DA)(DA)(DT)(DA)(DG)
(DG)(DT)(DT)(DC)(DC)(DG)(DA)(DA)(DA)(DT)(DA)(DG)(DG)(DC)(DA)(DG)(DG)(DG)(DG)(DG)
(DC)(DA)(DT)(DT)(DA)(DA)(DC)(DT)(DG)(DT)(DT)(DT)(DA)(DT)(DA)(DC)(DG)(DG)(DG)(DC)
(DA)(DC)(DT)(DG)(DT)(DT)(DA)(DC)(DT)(DC)(DA)(DA)(DG)(DG)(DC)(DA)(DC)(DT)(DG)(DA)
(DC)(DC)(DC)(DC)(DG)(DT)(DT)(DA)(DA)(DA)(DA)(DC)(DT)(DT)(DA)(DT)(DT)(DA)(DC)(DC)
(DA)(DG)(DT)(DA)(DC)(DA)(DC)(DT)(DC)(DC)(DT)(DG)(DT)(DA)(DT)(DC)(DA)(DT)(DC)(DA)
(DA)(DA)(DA)(DG)(DC)(DC)(DA)(DT)(DG)(DT)(DA)(DT)(DG)(DA)(DC)(DG)(DC)(DT)(DT)(DA)
(DC)(DT)(DG)(DG)(DA)(DA)(DC)(DG)(DG)(DT)(DA)(DA)(DA)(DT)(DT)(DC)(DA)(DG)(DA)(DG)
(DA)(DC)(DT)(DG)(DC)(DG)(DC)(DT)(DT)(DT)(DC)(DC)(DA)(DT)(DT)(DC)(DT)(DG)(DG)(DC)
(DT)(DT)(DT)(DA)(DA)(DT)(DG)(DA)(DG)(DG)(DA)(DT)(DT)(DT)(DA)(DT)(DT)(DT)(DG)(DT)
(DT)(DT)(DG)(DT)(DG)(DA)(DA)(DT)(DA)(DT)(DC)(DA)(DA)(DG)(DG)(DC)(DC)(DA)(DA)(DT)
(DC)(DG)(DT)(DC)(DT)(DG)(DA)(DC)(DC)(DT)(DG)(DC)(DC)(DT)(DC)(DA)(DA)(DC)(DC)(DT)
(DC)(DC)(DT)(DG)(DT)(DC)(DA)(DA)(DT)(DG)(DC)(DT)(DG)(DG)(DC)(DG)(DG)(DC)(DG)(DG)
(DC)(DT)(DC)(DT)(DG)(DG)(DT)(DG)(DG)(DT)(DG)(DG)(DT)(DT)(DC)(DT)(DG)(DG)(DT)(DG)
(DG)(DC)(DG)(DG)(DC)(DT)(DC)(DT)(DG)(DA)(DG)(DG)(DG)(DT)(DG)(DG)(DT)(DG)(DG)(DC)
(DT)(DC)(DT)(DG)(DA)(DG)(DG)(DG)(DT)(DG)(DG)(DC)(DG)(DG)(DT)(DT)(DC)(DT)(DG)(DA)
(DG)(DG)(DG)(DT)(DG)(DG)(DC)(DG)(DG)(DC)(DT)(DC)(DT)(DG)(DA)(DG)(DG)(DG)(DA)(DG)
(DG)(DC)(DG)(DG)(DT)(DT)(DC)(DC)(DG)(DG)(DT)(DG)(DG)(DT)(DG)(DG)(DC)(DT)(DC)(DT)
(DG)(DG)(DT)(DT)(DC)(DC)(DG)(DG)(DT)(DG)(DA)(DT)(DT)(DT)(DT)(DG)(DA)(DT)(DT)(DA)
(DT)(DG)(DA)(DA)(DA)(DA)(DG)(DA)(DT)(DG)(DG)(DC)(DA)(DA)(DA)(DC)(DG)(DC)(DT)(DA)
(DA)(DT)(DA)(DA)(DG)(DG)(DG)(DG)(DG)(DC)(DT)(DA)(DT)(DG)(DA)(DC)(DC)(DG)(DA)(DA)
(DA)(DA)(DT)(DG)(DC)(DC)(DG)(DA)(DT)(DG)(DA)(DA)(DA)(DA)(DC)(DG)(DC)(DG)(DC)(DT)
(DA)(DC)(DA)(DG)(DT)(DC)(DT)(DG)(DA)(DC)(DG)(DC)(DT)(DA)(DA)(DA)(DG)(DG)(DC)(DA)
(DA)(DA)(DC)(DT)(DT)(DG)(DA)(DT)(DT)(DC)(DT)(DG)(DT)(DC)(DG)(DC)(DT)(DA)(DC)(DT)
(DG)(DA)(DT)(DT)(DA)(DC)(DG)(DG)(DT)(DG)(DC)(DT)(DG)(DC)(DT)(DA)(DT)(DC)(DG)(DA)
(DT)(DG)(DG)(DT)(DT)(DT)(DC)(DA)(DT)(DT)(DG)(DG)(DT)(DG)(DA)(DC)(DG)(DT)(DT)(DT)
(DC)(DC)(DG)(DG)(DC)(DC)(DT)(DT)(DG)(DC)(DT)(DA)(DA)(DT)(DG)(DG)(DT)(DA)(DA)(DT)
(DG)(DG)(DT)(DG)(DC)(DT)(DA)(DC)(DT)(DG)(DG)(DT)(DG)(DA)(DT)(DT)(DT)(DT)(DG)(DC)
(DT)(DG)(DG)(DC)(DT)(DC)(DT)(DA)(DA)(DT)(DT)(DC)(DC)(DC)(DA)(DA)(DA)(DT)(DG)(DG)
(DC)(DT)(DC)(DA)(DA)(DG)(DT)(DC)(DG)(DG)(DT)(DG)(DA)(DC)(DG)(DG)(DT)(DG)(DA)(DT)
(DA)(DA)(DT)(DT)(DC)(DA)(DC)(DC)(DT)(DT)(DT)(DA)(DA)(DT)(DG)(DA)(DA)(DT)(DA)(DA)
(DT)(DT)(DT)(DC)(DC)(DG)(DT)(DC)(DA)(DA)(DT)(DA)(DT)(DT)(DT)(DA)(DC)(DC)(DT)(DT)
(DC)(DC)(DC)(DT)(DC)(DC)(DC)(DT)(DC)(DA)(DA)(DT)(DC)(DG)(DG)(DT)(DT)(DG)(DA)(DA)
(DT)(DG)(DT)(DC)(DG)(DC)(DC)(DC)(DT)(DT)(DT)(DT)(DG)(DT)(DC)(DT)(DT)(DT)(DG)(DG)
(DC)(DG)(DC)(DT)(DG)(DG)(DT)(DA)(DA)(DA)(DC)(DC)(DA)(DT)(DA)(DT)(DG)(DA)(DA)(DT)
(DT)(DT)(DT)(DC)(DT)(DA)(DT)(DT)(DG)(DA)(DT)(DT)(DG)(DT)(DG)(DA)(DC)(DA)(DA)(DA)
(DA)(DT)(DA)(DA)(DA)(DC)(DT)(DT)(DA)(DT)(DT)(DC)(DC)(DG)(DT)(DG)(DG)(DT)(DG)(DT)
(DC)(DT)(DT)(DT)(DG)(DC)(DG)(DT)(DT)(DT)(DC)(DT)(DT)(DT)(DT)(DA)(DT)(DA)(DT)(DG)
(DT)(DT)(DG)(DC)(DC)(DA)(DC)(DC)(DT)(DT)(DT)(DA)(DT)(DG)(DT)(DA)(DT)(DG)(DT)(DA)
(DT)(DT)(DT)(DT)(DC)(DT)(DA)(DC)(DG)(DT)(DT)(DT)(DG)(DC)(DT)(DA)(DA)(DC)(DA)(DT)
(DA)(DC)(DT)(DG)(DC)(DG)(DT)(DA)(DA)(DT)(DA)(DA)(DG)(DG)(DA)(DG)(DT)(DC)(DT)(DT)
(DA)(DA)(DT)(DC)(DA)(DT)(DG)(DC)(DC)(DA)(DG)(DT)(DT)(DC)(DT)(DT)(DT)(DT)(DG)(DG)
(DG)(DT)(DA)(DT)(DT)(DC)(DC)(DG)(DT)(DT)(DA)(DT)(DT)(DA)(DT)(DT)(DG)(DC)(DG)(DT)
(DT)(DT)(DC)(DC)(DT)(DC)(DG)(DG)(DT)(DT)(DT)(DC)(DC)(DT)(DT)(DC)(DT)(DG)(DG)(DT)
(DA)(DA)(DC)(DT)(DT)(DT)(DG)(DT)(DT)(DC)(DG)(DG)(DC)(DT)(DA)(DT)(DC)(DT)(DG)(DC)
(DT)(DT)(DA)(DC)(DT)(DT)(DT)(DT)(DC)(DT)(DT)(DA)(DA)(DA)(DA)(DA)(DG)(DG)(DG)(DC)
(DT)(DT)(DC)(DG)(DG)(DT)(DA)(DA)(DG)(DA)(DT)(DA)(DG)(DC)(DT)(DA)(DT)(DT)(DG)(DC)
(DT)(DA)(DT)(DT)(DT)(DC)(DA)(DT)(DT)(DG)(DT)(DT)(DT)(DC)(DT)(DT)(DG)(DC)(DT)(DC)
(DT)(DT)(DA)(DT)(DT)(DA)(DT)(DT)(DG)(DG)(DG)(DC)(DT)(DT)(DA)(DA)(DC)(DT)(DC)(DA)
(DA)(DT)(DT)(DC)(DT)(DT)(DG)(DT)(DG)(DG)(DG)(DT)(DT)(DA)(DT)(DC)(DT)(DC)(DT)(DC)
(DT)(DG)(DA)(DT)(DA)(DT)(DT)(DA)(DG)(DC)(DG)(DC)(DT)(DC)(DA)(DA)(DT)(DT)(DA)(DC)
(DC)(DC)(DT)(DC)(DT)(DG)(DA)(DC)(DT)(DT)(DT)(DG)(DT)(DT)(DC)(DA)(DG)(DG)(DG)(DT)
(DG)(DT)(DT)(DC)(DA)(DG)(DT)(DT)(DA)(DA)(DT)(DT)(DC)(DT)(DC)(DC)(DC)(DG)(DT)(DC)
(DT)(DA)(DA)(DT)(DG)(DC)(DG)(DC)(DT)(DT)(DC)(DC)(DC)(DT)(DG)(DT)(DT)(DT)(DT)(DT)
(DA)(DT)(DG)(DT)(DT)(DA)(DT)(DT)(DC)(DT)(DC)(DT)(DC)(DT)(DG)(DT)(DA)(DA)(DA)(DG)
(DG)(DC)(DT)(DG)(DC)(DT)(DA)(DT)(DT)(DT)(DT)(DC)(DA)(DT)(DT)(DT)(DT)(DT)(DG)(DA)
(DC)(DG)(DT)(DT)(DA)(DA)(DA)(DC)(DA)(DA)(DA)(DA)(DA)(DA)(DT)(DC)(DG)(DT)(DT)(DT)
(DC)(DT)(DT)(DA)(DT)(DT)(DT)(DG)(DG)(DA)(DT)(DT)(DG)(DG)(DG)(DA)(DT)(DA)(DA)(DA)
(DT)(DA)(DA)(DT)(DA)(DT)(DG)(DG)(DC)(DT)(DG)(DT)(DT)(DT)(DA)(DT)(DT)(DT)(DT)(DG)
(DT)(DA)(DA)(DC)(DT)(DG)(DG)(DC)(DA)(DA)(DA)(DT)(DT)(DA)(DG)(DG)(DC)(DT)(DC)(DT)
(DG)(DG)(DA)(DA)(DA)(DG)(DA)(DC)(DG)(DC)(DT)(DC)(DG)(DT)(DT)(DA)(DG)(DC)(DG)(DT)
(DT)(DG)(DG)(DT)(DA)(DA)(DG)(DA)(DT)(DT)(DC)(DA)(DG)(DG)(DA)(DT)(DA)(DA)(DA)(DA)
(DT)(DT)(DG)(DT)(DA)(DG)(DC)(DT)(DG)(DG)(DG)(DT)(DG)(DC)(DA)(DA)(DA)(DA)(DT)(DA)
(DG)(DC)(DA)(DA)(DC)(DT)(DA)(DA)(DT)(DC)(DT)(DT)(DG)(DA)(DT)(DT)(DT)(DA)(DA)(DG)
(DG)(DC)(DT)(DT)(DC)(DA)(DA)(DA)(DA)(DC)(DC)(DT)(DC)(DC)(DC)(DG)(DC)(DA)(DA)(DG)
(DT)(DC)(DG)(DG)(DG)(DA)(DG)(DG)(DT)(DT)(DC)(DG)(DC)(DT)(DA)(DA)(DA)(DA)(DC)(DG)
(DC)(DC)(DT)(DC)(DG)(DC)(DG)(DT)(DT)(DC)(DT)(DT)(DA)(DG)(DA)(DA)(DT)(DA)(DC)(DC)
(DG)(DG)(DA)(DT)(DA)(DA)(DG)(DC)(DC)(DT)(DT)(DC)(DT)(DA)(DT)(DA)(DT)(DC)(DT)(DG)
(DA)(DT)(DT)(DT)(DG)(DC)(DT)(DT)(DG)(DC)(DT)(DA)(DT)(DT)(DG)(DG)(DG)(DC)(DG)(DC)
(DG)(DG)(DT)(DA)(DA)(DT)(DG)(DA)(DT)(DT)(DC)(DC)(DT)(DA)(DC)(DG)(DA)(DT)(DG)(DA)
(DA)(DA)(DA)(DT)(DA)(DA)(DA)(DA)(DA)(DC)(DG)(DG)(DC)(DT)(DT)(DG)(DC)(DT)(DT)(DG)
(DT)(DT)(DC)(DT)(DC)(DG)(DA)(DT)(DG)(DA)(DG)(DT)(DG)(DC)(DG)(DG)(DT)(DA)(DC)(DT)
(DT)(DG)(DG)(DT)(DT)(DT)(DA)(DA)(DT)(DA)(DC)(DC)(DC)(DG)(DT)(DT)(DC)(DT)(DT)(DG)
(DG)(DA)(DA)(DT)(DG)(DA)(DT)(DA)(DA)(DG)(DG)(DA)(DA)(DA)(DG)(DA)(DC)(DA)(DG)(DC)
(DC)(DG)(DA)(DT)(DT)(DA)(DT)(DT)(DG)(DA)(DT)(DT)(DG)(DG)(DT)(DT)(DT)(DC)(DT)(DA)
(DC)(DA)(DT)(DG)(DC)(DT)(DC)(DG)(DT)(DA)(DA)(DA)(DT)(DT)(DA)(DG)(DG)(DA)(DT)(DG)
(DG)(DG)(DA)(DT)(DA)(DT)(DT)(DA)(DT)(DT)(DT)(DT)(DT)(DC)(DT)(DT)(DG)(DT)(DT)(DC)
(DA)(DG)(DG)(DA)(DC)(DT)(DT)(DA)(DT)(DC)(DT)(DA)(DT)(DT)(DG)(DT)(DT)(DG)(DA)(DT)
(DA)(DA)(DA)(DC)(DA)(DG)(DG)(DC)(DG)(DC)(DG)(DT)(DT)(DC)(DT)(DG)(DC)(DA)(DT)(DT)
(DA)(DG)(DC)(DT)(DG)(DA)(DA)(DC)(DA)(DT)(DG)(DT)(DT)(DG)(DT)(DT)(DT)(DA)(DT)(DT)
(DG)(DT)(DC)(DG)(DT)(DC)(DG)(DT)(DC)(DT)(DG)(DG)(DA)(DC)(DA)(DG)(DA)(DA)(DT)(DT)
(DA)(DC)(DT)(DT)(DT)(DA)(DC)(DC)(DT)(DT)(DT)(DT)(DG)(DT)(DC)(DG)(DG)(DT)(DA)(DC)
(DT)(DT)(DT)(DA)(DT)(DA)(DT)(DT)(DC)(DT)(DC)(DT)(DT)(DA)(DT)(DT)(DA)(DC)(DT)(DG)
(DG)(DC)(DT)(DC)(DG)(DA)(DA)(DA)(DA)(DT)(DG)(DC)(DC)(DT)(DC)(DT)(DG)(DC)(DC)(DT)
(DA)(DA)(DA)(DT)(DT)(DA)(DC)(DA)(DT)(DG)(DT)(DT)(DG)(DG)(DC)(DG)(DT)(DT)(DG)(DT)
(DT)(DA)(DA)(DA)(DT)(DA)(DT)(DG)(DG)(DC)(DG)(DA)(DT)(DT)(DC)(DT)(DC)(DA)(DA)(DT)
(DT)(DA)(DA)(DG)(DC)(DC)(DC)(DT)(DA)(DC)(DT)(DG)(DT)(DT)(DG)(DA)(DG)(DC)(DG)(DT)
(DT)(DG)(DG)(DC)(DT)(DT)(DT)(DA)(DT)(DA)(DC)(DT)(DG)(DG)(DT)(DA)(DA)(DG)(DA)(DA)
(DT)(DT)(DT)(DG)(DT)(DA)(DT)(DA)(DA)(DC)(DG)(DC)(DA)(DT)(DA)(DT)(DG)(DA)(DT)(DA)
(DC)(DT)(DA)(DA)(DA)(DC)(DA)(DG)(DG)(DC)(DT)(DT)(DT)(DT)(DT)(DC)(DT)(DA)(DG)(DT)
(DA)(DA)(DT)(DT)(DA)(DT)(DG)(DA)(DT)(DT)(DC)(DC)(DG)(DG)(DT)(DG)(DT)(DT)(DT)(DA)
(DT)(DT)(DC)(DT)(DT)(DA)(DT)(DT)(DT)(DA)(DA)(DC)(DG)(DC)(DC)(DT)(DT)(DA)(DT)(DT)
(DT)(DA)(DT)(DC)(DA)(DC)(DA)(DC)(DG)(DG)(DT)(DC)(DG)(DG)(DT)(DA)(DT)(DT)(DT)(DC)
(DA)(DA)(DA)(DC)(DC)(DA)(DT)(DT)(DA)(DA)(DA)(DT)(DT)(DT)(DA)(DG)(DG)(DT)(DC)(DA)
(DG)(DA)(DA)(DG)(DA)(DT)(DG)(DA)(DA)(DA)(DT)(DT)(DA)(DA)(DC)(DT)(DA)(DA)(DA)(DA)
(DT)(DA)(DT)(DA)(DT)(DT)(DT)(DG)(DA)(DA)(DA)(DA)(DA)(DG)(DT)(DT)(DT)(DT)(DC)(DT)
(DC)(DG)(DC)(DG)(DT)(DT)(DC)(DT)(DT)(DT)(DG)(DT)(DC)(DT)(DT)(DG)(DC)(DG)(DA)(DT)
(DT)(DG)(DG)(DA)(DT)(DT)(DT)(DG)(DC)(DA)(DT)(DC)(DA)(DG)(DC)(DA)(DT)(DT)(DT)(DA)
(DC)(DA)(DT)(DA)(DT)(DA)(DG)(DT)(DT)(DA)(DT)(DA)(DT)(DA)(DA)(DC)(DC)(DC)(DA)(DA)
(DC)(DC)(DT)(DA)(DA)(DG)(DC)(DC)(DG)(DG)(DA)(DG)(DG)(DT)(DT)(DA)(DA)(DA)(DA)(DA)
(DG)(DG)(DT)(DA)(DG)(DT)(DC)(DT)(DC)(DT)(DC)(DA)(DG)(DA)(DC)(DC)(DT)(DA)(DT)(DG)
(DA)(DT)(DT)(DT)(DT)(DG)(DA)(DT)(DA)(DA)(DA)(DT)(DT)(DC)(DA)(DC)(DT)(DA)(DT)(DT)
(DG)(DA)(DC)(DT)(DC)(DT)(DT)(DC)(DT)(DC)(DA)(DG)(DC)(DG)(DT)(DC)(DT)(DT)(DA)(DA)
(DT)(DC)(DT)(DA)(DA)(DG)(DC)(DT)(DA)(DT)(DC)(DG)(DC)(DT)(DA)(DT)(DG)(DT)(DT)(DT)
(DT)(DC)(DA)(DA)(DG)(DG)(DA)(DT)(DT)(DC)(DT)(DA)(DA)(DG)(DG)(DG)(DA)(DA)(DA)(DA)
(DT)(DT)(DA)(DA)(DT)(DT)(DA)(DA)(DT)(DA)(DG)(DC)(DG)(DA)(DC)(DG)(DA)(DT)(DT)(DT)
(DA)(DC)(DA)(DG)(DA)(DA)(DG)(DC)(DA)(DA)(DG)(DG)(DT)(DT)(DA)(DT)(DT)(DC)(DA)(DC)
(DT)(DC)(DA)(DC)(DA)(DT)(DA)(DT)(DA)(DT)(DT)(DG)(DA)(DT)(DT)(DT)(DA)(DT)(DG)(DT)
(DA)(DC)(DT)(DG)(DT)(DT)(DT)(DC)(DC)(DA)(DT)(DT)(DA)(DA)(DA)(DA)(DA)(DA)(DG)(DG)
(DT)(DA)(DA)(DT)(DT)(DC)(DA)(DA)(DA)(DT)(DG)(DA)(DA)(DA)(DT)(DT)(DG)(DT)(DT)(DA)
(DA)(DA)(DT)(DG)(DT)(DA)(DA)(DT)(DT)(DA)(DA)(DT)(DT)(DT)(DT)(DG)(DT)(DT)(DT)(DT)
(DC)(DT)(DT)(DG)(DA)(DT)(DG)(DT)(DT)(DT)(DG)(DT)(DT)(DT)(DC)(DA)(DT)(DC)(DA)(DT)
(DC)(DT)(DT)(DC)(DT)(DT)(DT)(DT)(DG)(DC)(DT)(DC)(DA)(DG)(DG)(DT)(DA)(DA)(DT)(DT)
(DG)(DA)(DA)(DA)(DT)(DG)(DA)(DA)(DT)(DA)(DA)(DT)(DT)(DC)(DG)(DC)(DC)(DT)(DC)(DT)
(DG)(DC)(DG)(DC)(DG)(DA)(DT)(DT)(DT)(DT)(DG)(DT)(DA)(DA)(DC)(DT)(DT)(DG)(DG)(DT)
(DA)(DT)(DT)(DC)(DA)(DA)(DA)(DG)(DC)(DA)(DA)(DT)(DC)(DA)(DG)(DG)(DC)(DG)(DA)(DA)
(DT)(DC)(DC)(DG)(DT)(DT)(DA)(DT)(DT)(DG)(DT)(DT)(DT)(DC)(DT)(DC)(DC)(DC)(DG)(DA)
(DT)(DG)(DT)(DA)(DA)(DA)(DA)(DG)(DG)(DT)(DA)(DC)(DT)(DG)(DT)(DT)(DA)(DC)(DT)(DG)
(DT)(DA)(DT)(DA)(DT)(DT)(DC)(DA)(DT)(DC)(DT)(DG)(DA)(DC)(DG)(DT)(DT)(DA)(DA)(DA)
(DC)(DC)(DT)(DG)(DA)(DA)(DA)(DA)(DT)(DC)(DT)(DA)(DC)(DG)(DC)(DA)(DA)(DT)(DT)(DT)
(DC)(DT)(DT)(DT)(DA)(DT)(DT)(DT)(DC)(DT)(DG)(DT)(DT)(DT)(DT)(DA)(DC)(DG)(DT)(DG)
(DC)(DA)(DA)(DA)(DT)(DA)(DA)(DT)(DT)(DT)(DT)(DG)(DA)(DT)(DA)(DT)(DG)(DG)(DT)(DA)
(DG)(DG)(DT)(DT)(DC)(DT)(DA)(DA)(DC)(DC)(DC)(DT)(DT)(DC)(DC)(DA)(DT)(DT)(DA)(DT)
(DT)(DC)(DA)(DG)(DA)(DA)(DG)(DT)(DA)(DT)(DA)(DA)(DT)(DC)(DC)(DA)(DA)(DA)(DC)(DA)
(DA)(DT)(DC)(DA)(DG)(DG)(DA)(DT)(DT)(DA)(DT)(DA)(DT)(DT)(DG)(DA)(DT)(DG)(DA)(DA)
(DT)(DT)(DG)(DC)(DC)(DA)(DT)(DC)(DA)(DT)(DC)(DT)(DG)(DA)(DT)(DA)(DA)(DT)(DC)(DA)
(DG)(DG)(DA)(DA)(DT)(DA)(DT)(DG)(DA)(DT)(DG)(DA)(DT)(DA)(DA)(DT)(DT)(DC)(DC)(DG)
(DC)(DT)(DC)(DC)(DT)(DT)(DC)(DT)(DG)(DG)(DT)(DG)(DG)(DT)(DT)(DT)(DC)(DT)(DT)(DT)
(DG)(DT)(DT)(DC)(DC)(DG)(DC)(DA)(DA)(DA)(DA)(DT)(DG)(DA)(DT)(DA)(DA)(DT)(DG)(DT)
(DT)(DA)(DC)(DT)(DC)(DA)(DA)(DA)(DC)(DT)(DT)(DT)(DT)(DA)(DA)(DA)(DA)(DT)(DT)(DA)
(DA)(DT)(DA)(DA)(DC)(DG)(DT)(DT)(DC)(DG)(DG)(DG)(DC)(DA)(DA)(DA)(DG)(DG)(DA)(DT)
(DT)(DT)(DA)(DA)(DT)(DA)(DC)(DG)(DA)(DG)(DT)(DT)(DG)(DT)(DC)(DG)(DA)(DA)(DT)(DT)
(DG)(DT)(DT)(DT)(DG)(DT)(DA)(DA)(DA)(DG)(DT)(DC)(DT)(DA)(DA)(DT)(DA)(DC)(DT)(DT)
(DC)(DT)(DA)(DA)(DA)(DT)(DC)(DC)(DT)(DC)(DA)(DA)(DA)(DT)(DG)(DT)(DA)(DT)(DT)(DA)
(DT)(DC)(DT)(DA)(DT)(DT)(DG)(DA)(DC)(DG)(DG)(DC)(DT)(DC)(DT)(DA)(DA)(DT)(DC)(DT)
(DA)(DT)(DT)(DA)(DG)(DT)(DT)(DG)(DT)(DT)(DA)(DG)(DT)(DG)(DC)(DT)(DC)(DC)(DT)(DA)
(DA)(DA)(DG)(DA)(DT)(DA)(DT)(DT)(DT)(DT)(DA)(DG)(DA)(DT)(DA)(DA)(DC)(DC)(DT)(DT)
(DC)(DC)(DT)(DC)(DA)(DA)(DT)(DT)(DC)(DC)(DT)(DT)(DT)(DC)(DA)(DA)(DC)(DT)(DG)(DT)
(DT)(DG)(DA)(DT)(DT)(DT)(DG)(DC)(DC)(DA)(DA)(DC)(DT)(DG)(DA)(DC)(DC)(DA)(DG)(DA)
(DT)(DA)(DT)(DT)(DG)(DA)(DT)(DT)(DG)(DA)(DG)(DG)(DG)(DT)(DT)(DT)(DG)(DA)(DT)(DA)
(DT)(DT)(DT)(DG)(DA)(DG)(DG)(DT)(DT)(DC)(DA)(DG)(DC)(DA)(DA)(DG)(DG)(DT)(DG)(DA)
(DT)(DG)(DC)(DT)(DT)(DT)(DA)(DG)(DA)(DT)(DT)(DT)(DT)(DT)(DC)(DA)(DT)(DT)(DT)(DG)
(DC)(DT)(DG)(DC)(DT)(DG)(DG)(DC)(DT)(DC)(DT)(DC)(DA)(DG)(DC)(DG)(DT)(DG)(DG)(DC)
(DA)(DC)(DT)(DG)(DT)(DT)(DG)(DC)(DA)(DG)(DG)(DC)(DG)(DG)(DT)(DG)(DT)(DT)(DA)(DA)
(DT)(DA)(DC)(DT)(DG)(DA)(DC)(DC)(DG)(DC)(DC)(DT)(DC)(DA)(DC)(DC)(DT)(DC)(DT)(DG)
(DT)(DT)(DT)(DT)(DA)(DT)(DC)(DT)(DT)(DC)(DT)(DG)(DC)(DT)(DG)(DG)(DT)(DG)(DG)(DT)
(DT)(DC)(DG)(DT)(DT)(DC)(DG)(DG)(DT)(DA)(DT)(DT)(DT)(DT)(DT)(DA)(DA)(DT)(DG)(DG)
(DC)(DG)(DA)(DT)(DG)(DT)(DT)(DT)(DT)(DA)(DG)(DG)(DG)(DC)(DT)(DA)(DT)(DC)(DA)(DG)
(DT)(DT)(DC)(DG)(DC)(DG)(DC)(DA)(DT)(DT)(DA)(DA)(DA)(DG)(DA)(DC)(DT)(DA)(DA)(DT)
(DA)(DG)(DC)(DC)(DA)(DT)(DT)(DC)(DA)(DA)(DA)(DA)(DA)(DT)(DA)(DT)(DT)(DG)(DT)(DC)
(DT)(DG)(DT)(DG)(DC)(DC)(DA)(DC)(DG)(DT)(DA)(DT)(DT)(DC)(DT)(DT)(DA)(DC)(DG)(DC)
(DT)(DT)(DT)(DC)(DA)(DG)(DG)(DT)(DC)(DA)(DG)(DA)(DA)(DG)(DG)(DG)(DT)(DT)(DC)(DT)
(DA)(DT)(DC)(DT)(DC)(DT)(DG)(DT)(DT)(DG)(DG)(DC)(DC)(DA)(DG)(DA)(DA)(DT)(DG)(DT)
(DC)(DC)(DC)(DT)(DT)(DT)(DT)(DA)(DT)(DT)(DA)(DC)(DT)(DG)(DG)(DT)(DC)(DG)(DT)(DG)
(DT)(DG)(DA)(DC)(DT)(DG)(DG)(DT)(DG)(DA)(DA)(DT)(DC)(DT)(DG)(DC)(DC)(DA)(DA)(DT)
(DG)(DT)(DA)(DA)(DA)(DT)(DA)(DA)(DT)(DC)(DC)(DA)(DT)(DT)(DT)(DC)(DA)(DG)(DA)(DC)
(DG)(DA)(DT)(DT)(DG)(DA)(DG)(DC)(DG)(DT)(DC)(DA)(DA)(DA)(DA)(DT)(DG)(DT)(DA)(DG)
(DG)(DT)(DA)(DT)(DT)(DT)(DC)(DC)(DA)(DT)(DG)(DA)(DG)(DC)(DG)(DT)(DT)(DT)(DT)(DT)
(DC)(DC)(DT)(DG)(DT)(DT)(DG)(DC)(DA)(DA)(DT)(DG)(DG)(DC)(DT)(DG)(DG)(DC)(DG)(DG)
(DT)(DA)(DA)(DT)(DA)(DT)(DT)(DG)(DT)(DT)(DC)(DT)(DG)(DG)(DA)(DT)(DA)(DT)(DT)(DA)
(DC)(DC)(DA)(DG)(DC)(DA)(DA)(DG)(DG)(DC)(DC)(DG)(DA)(DT)(DA)(DG)(DT)(DT)(DT)(DG)
(DA)(DG)(DT)(DT)(DC)(DT)(DT)(DC)(DT)(DA)(DC)(DT)(DC)(DA)(DG)(DG)(DC)(DA)(DA)(DG)
(DT)(DG)(DA)(DT)(DG)(DT)(DT)(DA)(DT)(DT)(DA)(DC)(DT)(DA)(DA)(DT)(DC)(DA)(DA)(DA)
(DG)(DA)(DA)(DG)(DT)(DA)(DT)(DT)(DG)(DC)(DT)(DA)(DC)(DA)(DA)(DC)(DG)(DG)(DT)(DT)
(DA)(DA)(DT)(DT)(DT)(DG)(DC)(DG)(DT)(DG)(DA)(DT)(DG)(DG)(DA)(DC)(DA)(DG)(DA)(DC)
(DT)(DC)(DT)(DT)(DT)(DT)(DA)(DC)(DT)(DC)(DG)(DG)(DT)(DG)(DG)(DC)(DC)(DT)(DC)(DA)
(DC)(DT)(DG)(DA)(DT)(DT)(DA)(DT)(DA)(DA)(DA)(DA)(DA)(DC)(DA)(DC)(DT)(DT)(DC)(DT)
(DC)(DA)(DG)(DG)(DA)(DT)(DT)(DC)(DT)(DG)(DG)(DC)(DG)(DT)(DA)(DC)(DC)(DG)(DT)(DT)
(DC)(DC)(DT)(DG)(DT)(DC)(DT)(DA)(DA)(DA)(DA)(DT)(DC)(DC)(DC)(DT)(DT)(DT)(DA)(DA)
(DT)(DC)(DG)(DG)(DC)(DC)(DT)(DC)(DC)(DT)(DG)(DT)(DT)(DT)(DA)(DG)(DC)(DT)(DC)(DC)
(DC)(DG)(DC)(DT)(DC)(DT)(DG)(DA)(DT)(DT)(DC)(DT)(DA)(DA)(DC)(DG)(DA)(DG)(DG)(DA)
(DA)(DA)(DG)(DC)(DA)(DC)(DG)(DT)(DT)(DA)(DT)(DA)(DC)(DG)(DT)(DG)(DC)(DT)(DC)(DG)
(DT)(DC)(DA)(DA)(DA)(DG)(DC)(DA)(DA)(DC)(DC)(DA)(DT)(DA)(DG)(DT)(DA)(DC)(DG)(DC)
(DG)(DC)(DC)(DC)(DT)(DG)(DT)(DA)(DG)(DC)(DG)(DG)(DC)(DG)(DC)(DA)(DT)(DT)(DA)(DA)
(DG)(DC)(DG)(DC)(DG)(DG)(DC)(DG)(DG)(DG)(DT)(DG)(DT)(DG)(DG)(DT)(DG)(DG)(DT)(DT)
(DA)(DC)(DG)(DC)(DG)(DC)(DA)(DG)(DC)(DG)(DT)(DG)(DA)(DC)(DC)(DG)(DC)(DT)(DA)(DC)
(DA)(DC)(DT)(DT)(DG)(DC)(DC)(DA)(DG)(DC)(DG)(DC)(DC)(DC)(DT)(DA)(DG)(DC)(DG)(DC)
(DC)(DC)(DG)(DC)(DT)(DC)(DC)(DT)(DT)(DT)(DC)(DG)(DC)(DT)(DT)(DT)(DC)(DT)(DT)(DC)
(DC)(DC)(DT)(DT)(DC)(DC)(DT)(DT)(DT)(DC)(DT)(DC)(DG)(DC)(DC)(DA)(DC)(DG)(DT)(DT)
(DC)(DG)(DC)(DC)(DG)(DG)(DC)(DT)(DT)(DT)(DC)(DC)(DC)(DC)(DG)(DT)(DC)(DA)(DA)(DG)
(DC)(DT)(DC)(DT)(DA)(DA)(DA)(DT)(DC)(DG)(DG)(DG)(DG)(DG)(DC)(DT)(DC)(DC)(DC)(DT)
(DT)(DT)(DA)(DG)(DG)(DG)(DT)(DT)(DC)(DC)(DG)(DA)(DT)(DT)(DT)(DA)(DG)(DT)(DG)(DC)
(DT)(DT)(DT)(DA)(DC)(DG)(DG)(DC)(DA)(DC)(DC)(DT)(DC)(DG)(DA)(DC)(DC)(DC)(DC)(DA)
(DA)(DA)(DA)(DA)(DA)(DC)(DT)(DT)(DG)(DA)(DT)(DT)(DT)(DG)(DG)(DG)(DT)(DG)(DA)(DT)
(DG)(DG)(DT)(DT)(DC)(DA)(DC)(DG)(DT)(DA)(DG)(DT)(DG)(DG)(DG)(DC)(DC)(DA)(DT)(DC)
(DG)(DC)(DC)(DC)
;
AA
2 'polydeoxyribonucleotide'
;(DA)(DA)(DC)(DG)(DG)(DA)(DG)(DA)(DT)(DT)(DT)(DG)(DT)(DA)(DT)(DT)(DA)(DG)(DG)(DA)
(DA)(DT)(DA)(DC)(DA)(DA)(DA)(DA)(DG)(DG)(DA)(DT)(DC)(DA)(DG)(DG)(DA)(DC)(DG)(DA)
(DT)(DG)(DC)(DC)(DA)(DC)(DT)
;
AB
3 'polydeoxyribonucleotide'
;(DT)(DT)(DT)(DT)(DT)(DG)(DC)(DG)(DC)(DG)(DA)(DA)(DA)(DC)(DA)(DC)(DT)(DA)(DA)(DA)
(DA)(DC)(DC)(DA)(DG)(DC)(DG)(DA)(DT)(DA)(DA)(DG)(DA)(DG)(DG)(DC)(DA)(DG)(DA)(DG)
(DG)(DA)(DC)(DT)(DA)(DA)(DA)(DG)(DA)(DC)(DT)(DT)(DT)
;
AC
4 'polydeoxyribonucleotide'
;(DT)(DT)(DG)(DA)(DG)(DA)(DT)(DT)(DT)(DT)(DG)(DT)(DG)(DA)(DA)(DT)(DT)(DA)(DT)(DA)
(DC)(DC)(DA)(DG)(DA)(DA)(DC)(DG)(DT)(DA)(DA)(DC)(DC)(DA)(DG)(DC)(DA)(DT)(DC)(DG)
(DG)(DA)(DA)(DC)(DG)(DA)(DG)(DG)
;
AD
5 'polydeoxyribonucleotide'
;(DC)(DT)(DG)(DA)(DC)(DC)(DT)(DT)(DC)(DA)(DT)(DC)(DG)(DC)(DC)(DT)(DC)(DC)(DA)(DT)
(DG)(DT)(DT)(DA)(DA)(DT)(DT)(DA)(DC)(DG)(DA)(DG)(DC)(DG)(DT)(DT)(DT)(DA)(DC)(DC)
(DA)(DG)(DA)(DC)(DG)(DA)(DC)(DG)
;
AE
6 'polydeoxyribonucleotide'
;(DG)(DT)(DA)(DA)(DT)(DC)(DT)(DT)(DG)(DA)(DC)(DA)(DA)(DG)(DA)(DT)(DT)(DG)(DA)(DA)
(DA)(DG)(DA)(DC)(DT)(DC)(DC)(DA)(DA)(DA)(DA)(DC)(DT)(DA)(DA)(DA)(DG)(DG)(DA)(DT)
(DT)(DT)(DT)(DC)(DA)(DC)(DG)(DG)(DC)(DT)(DG)(DA)(DG)(DG)(DC)
;
AF
7 'polydeoxyribonucleotide'
;(DT)(DT)(DT)(DT)(DG)(DT)(DT)(DT)(DT)(DG)(DT)(DC)(DC)(DA)(DG)(DA)(DC)(DA)(DG)(DC)
(DC)(DC)(DT)(DC)(DA)(DT)(DT)(DT)(DT)(DT)(DT)(DT)(DT)(DT)(DT)(DT)(DA)(DG)(DT)(DT)
(DA)(DG)(DC)(DG)(DT)(DA)(DA)(DC)
;
AG
8 'polydeoxyribonucleotide'
;(DA)(DG)(DA)(DC)(DG)(DT)(DT)(DA)(DG)(DT)(DA)(DA)(DA)(DT)(DG)(DA)(DA)(DT)(DT)(DG)
(DT)(DA)(DT)(DT)(DC)(DT)(DT)(DA)(DA)(DA)(DC)
;
AH
9 'polydeoxyribonucleotide'
;(DC)(DG)(DG)(DT)(DT)(DT)(DA)(DT)(DC)(DA)(DG)(DC)(DT)(DT)(DG)(DT)(DT)(DG)(DA)(DA)
(DA)(DA)(DT)(DT)(DT)(DT)(DT)(DT)
;
AI
10 'polydeoxyribonucleotide'
;(DG)(DT)(DT)(DT)(DC)(DA)(DG)(DC)(DA)(DG)(DC)(DT)(DT)(DG)(DA)(DT)(DC)(DA)(DT)(DC)
(DG)(DC)(DC)(DC)(DA)(DC)(DG)(DC)(DA)(DT)(DA)(DA)(DG)(DC)(DA)(DT)(DG)(DA)(DT)(DT)
(DA)(DA)(DC)(DA)(DG)(DT)(DT)(DA)
;
AJ
11 'polydeoxyribonucleotide'
;(DG)(DG)(DA)(DG)(DT)(DG)(DA)(DG)(DT)(DT)(DG)(DC)(DG)(DG)(DG)(DA)(DT)(DC)(DG)(DT)
(DC)(DA)(DC)(DC)(DC)(DC)(DC)(DG)(DT)(DA)(DT)(DA)
;
AK
12 'polydeoxyribonucleotide'
;(DG)(DT)(DG)(DA)(DA)(DT)(DA)(DA)(DG)(DG)(DC)(DT)(DT)(DT)(DT)(DT)(DT)(DT)(DT)(DT)
(DT)(DT)(DT)(DG)(DC)(DC)(DC)(DT)(DG)(DA)(DC)(DG)(DA)(DG)(DA)(DA)(DA)(DA)(DC)(DC)
(DC)(DA)(DT)(DG)(DT)(DC)(DA)(DG)(DG)(DG)(DA)(DT)
;
AL
13 'polydeoxyribonucleotide'
;(DT)(DC)(DA)(DT)(DT)(DC)(DA)(DT)(DG)(DG)(DT)(DT)(DT)(DA)(DA)(DT)(DT)(DT)(DC)(DA)
(DA)(DC)(DT)(DT)(DT)(DA)(DA)(DT)(DC)(DA)(DA)(DA)(DT)(DT)(DT)(DT)(DC)(DT)
;
AM
14 'polydeoxyribonucleotide'
;(DA)(DA)(DA)(DG)(DC)(DT)(DG)(DC)(DT)(DT)(DC)(DA)(DA)(DC)(DA)(DG)(DT)(DA)(DT)(DG)
(DG)(DG)(DA)(DT)(DT)(DT)(DT)(DG)(DC)(DT)(DG)(DA)(DT)(DC)(DT)(DA)(DA)(DA)(DG)(DC)
(DT)(DT)(DG)(DA)(DG)(DA)
;
AN
15 'polydeoxyribonucleotide'
;(DA)(DC)(DC)(DG)(DG)(DA)(DT)(DA)(DG)(DG)(DA)(DA)(DC)(DA)(DA)(DA)(DA)(DA)(DA)(DG)
(DG)(DC)(DT)(DC)(DC)(DA)(DA)(DA)(DA)(DG)(DG)(DA)(DG)(DC)(DC)(DT)(DT)(DT)(DC)(DA)
(DT)(DC)(DA)(DA)(DG)(DA)
;
AO
16 'polydeoxyribonucleotide'
;(DG)(DG)(DT)(DC)(DA)(DA)(DT)(DC)(DG)(DA)(DC)(DC)(DA)(DA)(DC)(DT)(DG)(DA)(DG)(DG)
(DC)(DT)(DT)(DT)(DT)(DT)(DG)(DC)(DA)(DG)(DG)(DG)(DT)(DT)(DC)(DG)(DG)(DA)(DA)(DC)
(DC)(DT)(DA)(DT)(DT)(DA)(DT)(DT)
;
AP
17 'polydeoxyribonucleotide'
;(DT)(DA)(DC)(DG)(DT)(DT)(DA)(DA)(DT)(DA)(DA)(DA)(DA)(DT)(DT)(DT)(DT)(DT)(DT)(DT)
(DT)(DT)(DT)(DC)(DG)(DA)(DA)(DC)(DT)(DA)(DA)(DC)(DG)(DG)(DA)(DA)(DC)(DC)(DT)(DC)
(DA)(DT)(DT)(DT)(DT)(DT)(DT)(DT)
;
AQ
18 'polydeoxyribonucleotide'
;(DT)(DT)(DG)(DG)(DG)(DA)(DA)(DG)(DG)(DG)(DC)(DT)(DC)(DA)(DT)(DT)(DA)(DC)(DC)(DT)
(DT)(DA)(DT)(DG)(DC)(DG)(DA)(DT)(DT)(DT)(DA)(DC)(DA)(DC)(DC)(DA)(DG)(DA)(DT)(DT)
(DA)(DC)(DA)(DG)(DG)(DT)
;
AR
19 'polydeoxyribonucleotide'
;(DC)(DA)(DA)(DA)(DA)(DT)(DA)(DG)(DC)(DA)(DG)(DA)(DT)(DA)(DC)(DA)(DT)(DA)(DA)(DC)
(DG)(DC)(DC)(DC)(DA)(DC)(DA)(DT)(DT)(DC)(DA)(DA)(DC)(DT)(DA)(DA)(DT)(DC)(DA)(DA)
(DC)(DA)(DT)(DT)(DA)(DT)(DT)(DT)(DT)(DT)
;
AS
20 'polydeoxyribonucleotide'
;(DA)(DA)(DA)(DA)(DG)(DC)(DC)(DT)(DA)(DC)(DC)(DA)(DG)(DT)(DA)(DT)(DA)(DA)(DA)(DG)
(DC)(DC)(DA)(DT)(DA)(DT)(DC)(DA)(DT)(DT)(DC)(DT)(DG)(DC)(DA)(DG)(DA)(DA)(DC)(DG)
(DC)(DT)(DG)(DA)(DG)(DA)(DC)
;
AT
21 'polydeoxyribonucleotide'
;(DT)(DT)(DA)(DC)(DT)(DA)(DG)(DA)(DC)(DG)(DG)(DA)(DA)(DT)(DC)(DG)(DC)(DC)(DA)(DA)
(DC)(DA)(DT)(DG)(DC)(DA)(DG)(DA)(DA)(DG)(DC)(DA)(DA)(DA)(DG)(DC)(DG)(DG)(DA)(DT)
;
AU
22 'polydeoxyribonucleotide'
;(DT)(DT)(DT)(DT)(DT)(DC)(DG)(DT)(DT)(DA)(DA)(DA)(DT)(DA)(DT)(DG)(DG)(DT)(DT)(DT)
(DG)(DA)(DA)(DA)(DT)(DA)(DT)(DT)(DT)(DT)(DT)(DT)(DC)(DC)(DG)(DA)(DC)(DC)(DG)(DT)
(DG)(DT)(DG)(DA)(DT)
;
AV
23 'polydeoxyribonucleotide'
;(DA)(DC)(DG)(DA)(DA)(DG)(DG)(DC)(DG)(DT)(DA)(DC)(DC)(DG)(DA)(DC)(DT)(DT)(DT)(DT)
(DG)(DC)(DC)(DA)(DA)(DT)(DT)(DA)(DG)(DC)(DA)(DA)(DG)(DG)(DC)(DC)(DG)(DG)(DA)(DA)
(DC)(DC)(DG)(DT)(DA)(DA)(DT)(DC)
;
AW
24 'polydeoxyribonucleotide'
;(DA)(DA)(DA)(DA)(DC)(DG)(DA)(DA)(DA)(DT)(DC)(DC)(DG)(DC)(DG)(DC)(DG)(DC)(DA)(DG)
(DA)(DC)(DA)(DG)(DG)(DC)(DG)(DC)(DA)(DT)(DA)(DG)(DG)(DC)(DT)(DG)(DG)
;
AX
25 'polydeoxyribonucleotide'
;(DA)(DA)(DA)(DT)(DT)(DC)(DT)(DT)(DG)(DT)(DT)(DT)(DA)(DG)(DT)(DA)(DT)(DC)(DA)(DT)
(DA)(DT)(DG)(DA)(DA)(DA)(DG)(DA)(DA)(DT)(DA)(DA)(DA)(DA)(DT)(DG)(DT)(DT)(DT)(DA)
(DG)(DC)(DC)(DA)(DG)(DT)(DA)
;
AY
26 'polydeoxyribonucleotide'
;(DC)(DC)(DA)(DT)(DT)(DA)(DA)(DA)(DT)(DA)(DG)(DT)(DA)(DC)(DC)(DG)(DG)(DT)(DG)(DC)
(DC)(DG)(DT)(DC)(DT)(DT)(DA)(DC)(DC)(DA)(DG)(DC)(DG)(DC)(DC)(DA)(DA)(DA)(DG)(DA)
;
AZ
27 'polydeoxyribonucleotide'
;(DT)(DT)(DC)(DA)(DT)(DG)(DA)(DG)(DA)(DA)(DC)(DG)(DA)(DG)(DG)(DA)(DC)(DC)(DT)(DG)
(DC)(DT)(DG)(DA)(DT)(DA)(DA)(DA)(DT)(DT)(DG)(DT)(DG)(DT)(DC)(DG)(DA)(DT)(DA)(DT)
(DA)(DC)(DC)(DA)(DA)(DT)(DA)(DC)(DA)(DG)(DA)(DC)(DC)
;
Aa
28 'polydeoxyribonucleotide'
;(DG)(DG)(DT)(DA)(DT)(DT)(DA)(DA)(DA)(DC)(DC)(DA)(DA)(DG)(DT)(DC)(DG)(DT)(DT)(DA)
(DT)(DA)(DC)(DC)(DA)(DT)(DT)(DT)(DT)(DC)(DG)(DA)(DG)(DA)(DC)(DT)(DG)(DG)(DA)
;
Ab
29 'polydeoxyribonucleotide'
;(DT)(DC)(DG)(DG)(DC)(DT)(DG)(DT)(DC)(DT)(DT)(DT)(DC)(DC)(DT)(DA)(DC)(DG)(DC)(DT)
(DC)(DA)(DA)(DT)(DA)(DA)(DC)(DA)(DA)(DC)(DG)
;
Ac
30 'polydeoxyribonucleotide'
;(DC)(DA)(DG)(DT)(DA)(DC)(DA)(DA)(DC)(DA)(DA)(DT)(DA)(DG)(DG)(DT)(DA)(DA)(DG)(DA)
(DA)(DC)(DT)(DA)(DA)(DA)(DA)(DA)(DT)(DC)(DA)(DG)(DA)(DA)(DA)(DG)(DA)(DT)(DT)(DC)
(DA)(DT)(DC)(DA)(DG)
;
Ad
31 'polydeoxyribonucleotide'
;(DC)(DG)(DC)(DC)(DT)(DG)(DT)(DA)(DT)(DT)(DC)(DG)(DT)(DC)(DA)(DC)(DA)(DG)(DT)(DA)
(DT)(DA)(DG)(DC)(DC)(DC)(DG)(DG)(DA)(DT)(DT)(DT)(DT)(DT)(DT)(DT)(DT)(DT)(DT)(DA)
(DT)(DA)(DG)(DG)(DT)(DG)(DT)(DA)(DT)(DC)(DA)(DC)
;
Ae
32 'polydeoxyribonucleotide'
;(DG)(DC)(DC)(DG)(DC)(DT)(DT)(DA)(DA)(DT)(DA)(DG)(DA)(DA)(DA)(DT)(DT)(DC)(DA)(DT)
(DT)(DA)(DC)(DC)(DC)(DA)(DA)(DA)(DT)(DC)(DC)(DT)(DT)(DA)(DG)(DC)(DC)(DG)(DG)(DG)
(DA)(DA)(DG)(DT)(DT)(DT)
;
Af
33 'polydeoxyribonucleotide'
;(DA)(DG)(DT)(DT)(DA)(DA)(DA)(DG)(DT)(DT)(DC)(DG)(DG)(DT)(DC)(DC)(DT)(DT)(DT)(DC)
(DG)(DA)(DG)(DG)(DT)(DG)(DA)(DA)(DT)(DT)
;
Ag
34 'polydeoxyribonucleotide'
;(DC)(DC)(DA)(DG)(DC)(DT)(DA)(DC)(DA)(DG)(DC)(DG)(DT)(DC)(DT)(DT)(DT)(DC)(DC)(DA)
(DG)(DA)(DG)(DT)(DA)(DG)(DA)(DC)(DG)(DG)(DG)(DG)(DA)(DA)(DC)(DA)(DA)(DA)(DG)
;
Ah
35 'polydeoxyribonucleotide'
;(DT)(DT)(DT)(DT)(DG)(DC)(DA)(DT)(DT)(DC)(DC)(DA)(DG)(DG)(DT)(DA)(DA)(DT)(DA)(DA)
(DG)(DT)(DT)(DT)(DT)(DT)(DT)(DT)(DT)(DT)(DT)(DT)(DT)(DT)(DT)(DA)(DA)(DC)(DG)(DG)
(DG)(DG)(DT)(DC)(DA)(DG)(DT)(DG)
;
Ai
36 'polydeoxyribonucleotide'
;(DA)(DA)(DG)(DA)(DC)(DT)(DC)(DC)(DA)(DA)(DT)(DA)(DC)(DA)(DT)(DA)(DC)(DA)(DT)(DA)
(DA)(DA)(DG)(DG)(DT)(DG)(DG)(DA)(DA)(DA)(DG)(DC)(DA)(DT)(DA)(DA)(DA)(DT)(DC)(DC)
;
Aj
37 'polydeoxyribonucleotide'
;(DG)(DA)(DG)(DG)(DA)(DA)(DA)(DC)(DG)(DC)(DT)(DA)(DA)(DC)(DG)(DA)(DA)(DT)(DT)(DT)
(DT)(DA)(DT)(DC)(DC)(DT)(DG)(DA)(DA)(DT)(DA)(DC)(DC)(DG)(DC)(DA)(DC)(DT)
;
Ak
38 'polydeoxyribonucleotide'
;(DT)(DA)(DT)(DC)(DC)(DC)(DA)(DA)(DC)(DA)(DG)(DA)(DT)(DA)(DT)(DA)(DG)(DA)(DG)(DT)
(DA)(DC)(DC)(DT)(DT)(DT)(DA)(DA)(DT)(DT)(DG)(DC)(DT)(DG)(DT)(DA)(DC)(DC)(DA)(DA)
(DC)(DA)(DT)(DT)(DA)(DA)(DC)(DA)(DG)(DA)(DA)(DC)(DC)(DT)(DA)(DC)
;
Al
39 'polydeoxyribonucleotide'
;(DT)(DA)(DT)(DT)(DA)(DT)(DT)(DG)(DC)(DC)(DA)(DG)(DT)(DT)(DA)(DC)(DA)(DA)(DG)(DA)
(DT)(DT)(DA)(DG)(DT)(DT)(DG)(DC)(DT)(DA)(DT)(DT)(DA)(DT)(DT)(DT)(DT)(DC)
;
Am
40 'polydeoxyribonucleotide'
;(DA)(DA)(DC)(DA)(DG)(DT)(DG)(DC)(DT)(DC)(DA)(DG)(DC)(DA)(DG)(DC)(DA)(DA)(DC)(DA)
(DA)(DC)(DA)(DC)(DC)(DG)(DA)(DT)(DA)(DG)(DT)(DT)(DG)(DC)(DG)(DC)(DC)(DG)(DT)(DC)
(DT)(DT)(DT)(DC)(DC)
;
An
41 'polydeoxyribonucleotide'
;(DG)(DA)(DA)(DG)(DG)(DC)(DT)(DT)(DA)(DT)(DC)(DC)(DG)(DG)(DT)(DC)(DC)(DT)(DT)(DA)
(DA)(DA)(DT)(DC)(DA)(DA)(DA)(DA)(DT)(DA)(DG)(DA)(DA)(DC)(DC)(DT)(DC)(DC)(DG)(DA)
(DG)(DA)(DG)(DA)(DA)(DT)
;
Ao
42 'polydeoxyribonucleotide'
;(DA)(DT)(DT)(DC)(DT)(DA)(DA)(DG)(DA)(DA)(DC)(DG)(DC)(DT)(DT)(DT)(DT)(DT)(DT)(DG)
(DA)(DG)(DG)(DC)(DG)(DT)(DT)(DT)(DT)(DA)(DG)(DC)(DA)(DT)(DA)(DT)(DA)(DA)(DC)(DT)
(DT)(DA)(DA)(DC)(DC)(DT)(DC)(DC)
;
Ap
43 'polydeoxyribonucleotide'
;(DG)(DC)(DG)(DG)(DA)(DT)(DA)(DA)(DA)(DA)(DA)(DA)(DG)(DG)(DT)(DA)(DA)(DC)(DG)(DG)
(DA)(DA)(DA)(DT)(DT)(DA)(DT)(DT)(DC)(DA)(DT)(DT)
;
Aq
44 'polydeoxyribonucleotide'
;(DT)(DT)(DA)(DG)(DG)(DA)(DT)(DT)(DC)(DA)(DA)(DT)(DA)(DA)(DA)(DC)(DG)(DT)(DT)(DT)
(DT)(DA)(DA)(DT)(DG)(DT)(DC)(DT)(DT)(DT)(DA)(DC)(DG)(DA)(DT)(DT)(DC)(DA)(DA)(DA)
(DA)(DG)(DG)(DG)(DT)(DG)(DA)(DG)
;
Ar
45 'polydeoxyribonucleotide'
;(DA)(DA)(DG)(DC)(DA)(DA)(DA)(DT)(DG)(DC)(DG)(DC)(DC)(DT)(DG)(DT)(DA)(DA)(DG)(DA)
(DG)(DG)(DA)(DA)(DG)(DC)(DC)(DC)(DG)(DA)(DA)(DA)(DA)(DA)(DA)(DT)(DG)(DC)(DA)(DA)
(DA)(DA)(DA)(DC)(DA)(DT)(DT)(DA)
;
As
46 'polydeoxyribonucleotide'
;(DC)(DA)(DG)(DC)(DT)(DA)(DA)(DC)(DA)(DA)(DG)(DA)(DA)(DC)(DG)(DA)(DC)(DA)(DA)(DG)
(DC)(DA)(DA)(DG)(DC)(DC)(DG)(DT)(DT)(DT)(DT)(DT)(DT)(DT)(DG)(DC)(DA)(DC)(DA)(DT)
(DT)(DA)(DA)(DG)(DA)(DG)(DT)(DT)(DA)(DC)(DC)(DA)(DG)(DA)
;
At
47 'polydeoxyribonucleotide'
;(DT)(DT)(DA)(DT)(DC)(DA)(DA)(DC)(DA)(DA)(DT)(DA)(DG)(DA)(DT)(DA)(DT)(DC)(DA)(DA)
(DT)(DA)(DA)(DA)(DA)(DT)(DC)(DA)(DT)(DT)(DC)(DC)(DA)(DT)(DC)(DC)(DT)(DA)(DT)(DT)
(DT)(DT)(DG)(DA)(DA)(DG)
;
Au
48 'polydeoxyribonucleotide'
;(DA)(DA)(DG)(DT)(DC)(DC)(DT)(DG)(DA)(DA)(DC)(DA)(DA)(DT)(DT)(DT)(DT)(DT)(DT)(DG)
(DA)(DA)(DA)(DA)(DA)(DT)(DA)(DA)(DT)(DA)(DT)(DC)(DA)(DG)(DA)(DA)(DC)(DG)(DC)(DG)
(DA)(DT)(DG)(DC)(DA)(DA)(DA)(DT)
;
Av
49 'polydeoxyribonucleotide'
;(DA)(DG)(DA)(DA)(DC)(DC)(DG)(DC)(DC)(DA)(DC)(DC)(DC)(DT)(DT)(DT)(DT)(DT)(DT)(DT)
(DT)(DT)(DT)(DT)(DC)(DA)(DG)(DA)(DG)(DC)(DC)(DA)(DC)(DC)(DA)(DC)(DT)(DA)(DG)(DC)
(DG)(DT)(DT)(DT)(DT)(DT)(DT)(DT)
;
Aw
50 'polydeoxyribonucleotide'
;(DA)(DT)(DA)(DT)(DA)(DA)(DA)(DA)(DC)(DC)(DA)(DA)(DC)(DC)(DT)(DT)(DA)(DA)(DC)(DC)
(DC)(DT)(DG)(DC)(DA)(DT)(DA)(DG)(DT)(DA)(DA)(DG)(DA)(DG)(DC)(DA)(DA)(DC)(DA)(DA)
(DA)(DG)(DT)(DA)(DC)
;
Ax
51 'polydeoxyribonucleotide'
;(DA)(DT)(DA)(DA)(DG)(DA)(DG)(DA)(DC)(DT)(DG)(DT)(DC)(DC)(DA)(DG)(DA)(DC)(DG)(DA)
(DC)(DG)(DA)(DA)(DG)(DC)(DG)(DG)(DG)(DG)(DT)
;
Ay
52 'polydeoxyribonucleotide'
;(DC)(DC)(DA)(DT)(DA)(DT)(DT)(DC)(DA)(DG)(DT)(DA)(DG)(DG)(DG)(DA)(DC)(DA)(DC)(DC)
(DG)(DG)(DA)(DA)(DT)(DC)(DA)(DT)(DA)(DA)
;
Az
53 'polydeoxyribonucleotide'
;(DA)(DA)(DA)(DA)(DG)(DA)(DA)(DG)(DC)(DC)(DA)(DC)(DC)(DC)(DT)(DC)(DC)(DC)(DG)(DT)
(DC)(DA)(DC)(DC)(DG)(DA)(DC)(DT)(DT)(DG)(DA)(DG)
;
A0
54 'polydeoxyribonucleotide'
;(DT)(DC)(DA)(DT)(DA)(DA)(DA)(DT)(DC)(DA)(DG)(DT)(DT)(DC)(DA)(DG)(DA)(DA)(DA)(DA)
(DC)(DG)(DA)(DG)(DT)(DC)(DT)(DA)(DG)(DC)(DT)(DG)(DT)(DG)(DC)(DC)(DT)(DG)(DA)(DG)
(DT)(DA)(DC)(DA)(DA)(DA)(DA)(DT)
;
A1
55 'polydeoxyribonucleotide'
;(DA)(DT)(DT)(DC)(DA)(DT)(DT)(DG)(DA)(DA)(DT)(DC)(DC)(DC)(DC)(DA)(DA)(DG)(DA)(DA)
(DT)(DA)(DA)(DC)(DT)(DT)(DA)(DA)(DT)(DT)(DA)(DA)(DA)(DT)(DA)(DA)(DG)(DG)(DA)(DG)
(DA)(DA)(DA)(DC)(DC)(DA)
;
A2
56 'polydeoxyribonucleotide'
;(DC)(DA)(DT)(DT)(DA)(DC)(DC)(DG)(DA)(DG)(DG)(DG)(DG)(DG)(DT)(DA)(DA)(DT)(DA)(DG)
(DT)(DA)(DC)(DA)(DC)(DT)(DA)(DT)(DC)(DA)
;
A3
57 'polydeoxyribonucleotide'
;(DA)(DA)(DA)(DA)(DT)(DC)(DA)(DG)(DA)(DA)(DA)(DT)(DC)(DA)(DC)(DC)(DT)(DC)(DA)(DA)
(DA)(DT)(DC)(DA)(DC)(DC)(DA)(DT)(DC)(DA)(DA)(DT)(DG)(DT)(DC)(DT)(DG)(DG)(DA)(DG)
(DT)(DT)(DT)(DT)(DT)
;
A4
58 'polydeoxyribonucleotide'
;(DT)(DT)(DT)(DT)(DT)(DT)(DA)(DA)(DA)(DT)(DT)(DT)(DA)(DA)(DA)(DG)(DA)(DA)(DG)(DA)
(DT)(DG)(DA)(DT)(DG)(DA)(DT)(DT)(DT)(DT)(DT)(DT)(DA)(DA)(DC)(DA)(DA)(DA)(DC)(DA)
(DT)(DC)(DA)(DA)(DG)
;
A5
59 'polydeoxyribonucleotide'
;(DA)(DG)(DC)(DC)(DA)(DG)(DC)(DA)(DT)(DG)(DA)(DG)(DG)(DG)(DA)(DG)(DG)(DA)(DT)(DA)
(DA)(DA)(DA)(DA)(DT)(DT)(DT)(DT)(DT)(DA)(DG)(DA)(DT)(DA)(DA)(DT)(DC)(DG)(DT)(DA)
(DC)(DA)(DA)(DA)(DC)(DA)(DA)(DG)
;
A6
60 'polydeoxyribonucleotide'
;(DT)(DT)(DC)(DT)(DG)(DA)(DC)(DC)(DA)(DA)(DT)(DA)(DT)(DA)(DT)(DT)(DT)(DT)(DA)(DA)
(DT)(DG)(DG)(DA)(DA)(DA)(DC)(DA)(DG)(DT)(DT)(DT)(DT)(DT)(DT)(DT)(DA)(DC)(DA)(DT)
(DA)(DA)(DA)(DT)(DC)(DA)(DA)(DT)
;
A7
61 'polydeoxyribonucleotide'
;(DC)(DC)(DA)(DG)(DA)(DG)(DC)(DC)(DG)(DC)(DC)(DA)(DT)(DC)(DT)(DT)(DG)(DG)(DC)(DA)
(DT)(DT)(DT)(DT)(DC)(DG)(DG)(DT)(DC)(DT)(DT)(DT)(DT)(DT)(DT)(DT)(DT)(DT)(DT)(DA)
(DT)(DA)(DG)(DC)(DC)(DC)(DC)(DC)(DT)(DT)(DA)(DT)(DC)(DC)(DA)(DT)(DC)(DG)(DA)(DT)
;
A8
62 'polydeoxyribonucleotide'
;(DT)(DT)(DA)(DG)(DT)(DT)(DA)(DA)(DA)(DA)(DG)(DA)(DC)(DA)(DA)(DA)(DC)(DC)(DG)(DC)
(DG)(DC)(DC)(DC)(DA)(DA)(DT)(DA)(DG)(DC)(DA)(DT)(DC)(DG)(DT)(DA)(DG)(DG)
;
A9
63 'polydeoxyribonucleotide'
;(DC)(DA)(DA)(DC)(DC)(DG)(DA)(DT)(DA)(DA)(DG)(DA)(DC)(DA)(DC)(DC)(DA)(DT)(DA)(DA)
(DA)(DG)(DC)(DC)(DT)(DC)(DA)(DG)(DA)(DG)(DC)(DA)(DT)(DT)(DG)(DT)(DT)(DA)(DA)(DA)
(DC)(DA)(DT)(DA)(DT)(DG)(DT)(DA)
;
BA
64 'polydeoxyribonucleotide'
;(DC)(DG)(DG)(DA)(DA)(DG)(DC)(DA)(DA)(DA)(DC)(DT)(DC)(DC)(DA)(DA)(DC)(DA)(DG)(DG)
(DT)(DC)(DA)(DG)(DA)(DA)(DA)(DG)(DA)(DT)(DT)
;
BB
65 'polydeoxyribonucleotide'
;(DG)(DA)(DT)(DA)(DC)(DA)(DG)(DG)(DG)(DG)(DA)(DG)(DG)(DT)(DT)(DG)(DC)(DC)(DT)(DC)
(DA)(DG)(DA)(DG)(DC)(DC)(DG)(DC)(DC)(DT)(DT)(DT)(DT)(DT)(DT)(DT)(DT)(DT)(DT)(DA)
(DC)(DC)(DA)(DG)(DA)(DA)(DC)(DC)(DA)(DC)(DC)(DA)(DA)(DC)(DC)(DG)(DG)(DA)(DA)(DC)
;
BC
66 'polydeoxyribonucleotide'
;(DG)(DA)(DA)(DA)(DA)(DT)(DT)(DC)(DC)(DG)(DT)(DA)(DG)(DA)(DA)(DT)(DT)(DA)(DT)(DT)
(DA)(DC)(DG)(DC)(DA)(DG)(DT)(DA)(DT)(DG)(DG)(DA)(DC)(DA)(DA)(DT)(DG)(DA)(DA)(DC)
(DT)(DA)(DC)(DA)(DA)(DA)(DA)(DA)(DC)(DA)(DA)(DC)(DT)
;
BD
67 'polydeoxyribonucleotide'
;(DT)(DT)(DT)(DG)(DT)(DC)(DA)(DC)(DA)(DA)(DT)(DC)(DA)(DA)(DT)(DA)(DA)(DC)(DA)(DA)
(DA)(DC)(DA)(DA)(DG)(DC)(DA)(DG)(DT)(DC)(DT)(DC)
;
BE
68 'polydeoxyribonucleotide'
;(DA)(DC)(DG)(DG)(DA)(DA)(DT)(DA)(DT)(DA)(DT)(DA)(DA)(DA)(DA)(DT)(DA)(DC)(DC)(DC)
(DA)(DA)(DA)(DA)(DG)(DA)(DA)(DC)(DT)(DG)(DC)(DC)(DG)(DA)(DT)(DA)(DT)(DA)
;
BF
69 'polydeoxyribonucleotide'
;(DG)(DT)(DC)(DA)(DT)(DT)(DT)(DT)(DT)(DC)(DG)(DA)(DG)(DC)(DT)(DT)(DT)(DT)(DT)(DG)
(DC)(DG)(DG)(DG)(DA)(DG)(DA)(DA)(DG)(DC)(DC)(DT)(DT)(DT)(DA)(DT)(DT)(DT)(DC)(DA)
(DT)(DT)(DA)(DA)(DG)(DC)(DA)
;
BG
70 'polydeoxyribonucleotide'
;(DT)(DT)(DT)(DT)(DT)(DA)(DG)(DT)(DG)(DT)(DA)(DC)(DT)(DA)(DG)(DT)(DA)(DA)(DG)(DC)
(DG)(DT)(DC)(DA)(DT)(DA)(DT)(DT)(DT)(DT)(DT)(DT)(DT)(DT)(DT)(DT)(DC)(DA)(DT)(DG)
(DG)(DC)(DT)(DT)(DT)(DT)(DG)(DA)(DT)(DT)(DT)(DG)(DG)(DC)(DC)(DT)(DT)
;
BH
71 'polydeoxyribonucleotide'
;(DT)(DG)(DG)(DC)(DA)(DA)(DC)(DA)(DA)(DG)(DT)(DT)(DT)(DA)(DT)(DA)(DT)(DG)(DC)(DC)
(DC)(DC)(DC)(DG)(DT)(DA)(DC)(DC)(DA)(DG)(DG)(DT)(DA)(DG)(DC)(DA)(DA)(DC)(DG)(DG)
(DC)(DT)(DA)(DC)(DA)
;
BI
72 'polydeoxyribonucleotide'
;(DG)(DC)(DT)(DT)(DA)(DG)(DA)(DG)(DC)(DT)(DT)(DA)(DA)(DT)(DT)(DA)(DG)(DG)(DA)(DA)
(DA)(DC)(DC)(DG)(DA)(DT)(DA)(DG)(DC)(DC)(DA)(DG)(DA)(DA)(DT)(DT)(DA)(DA)(DT)(DG)
(DA)(DG)(DC)(DG)(DC)
;
BJ
73 'polydeoxyribonucleotide'
;(DG)(DC)(DT)(DG)(DA)(DA)(DT)(DA)(DC)(DA)(DA)(DC)(DT)(DA)(DA)(DA)(DA)(DG)(DT)(DA)
(DG)(DT)(DA)(DG)(DT)(DA)(DA)(DC)(DC)(DT)(DG)(DT)(DT)(DC)(DT)(DG)(DG)(DC)(DC)(DT)
(DT)(DC)(DC)(DT)(DG)(DT)(DA)(DG)
;
BK
74 'polydeoxyribonucleotide'
;(DT)(DG)(DA)(DA)(DT)(DT)(DT)(DA)(DC)(DC)(DG)(DT)(DT)(DC)(DC)(DT)(DT)(DA)(DG)(DC)
(DA)(DA)(DA)(DC)(DA)(DG)(DA)(DC)(DG)(DA)(DC)(DC)(DT)(DT)(DG)(DA)(DG)(DT)(DT)(DG)
(DA)(DT)(DA)(DT)(DA)
;
BL
75 'polydeoxyribonucleotide'
;(DA)(DT)(DT)(DA)(DA)(DG)(DA)(DC)(DT)(DC)(DT)(DG)(DT)(DA)(DA)(DA)(DA)(DG)(DC)(DA)
(DA)(DA)(DT)(DA)(DT)(DT)(DT)(DA)(DA)(DA)(DT)(DT)(DG)(DG)(DC)(DA)(DA)(DA)(DG)(DC)
(DA)(DG)(DT)(DT)(DT)(DG)(DA)(DG)
;
BM
76 'polydeoxyribonucleotide'
;(DA)(DT)(DA)(DG)(DC)(DG)(DA)(DT)(DA)(DG)(DC)(DT)(DT)(DA)(DG)(DT)(DA)(DG)(DC)(DT)
(DC)(DA)(DA)(DG)(DA)(DT)(DT)(DA)(DG)(DA)
;
BN
77 'polydeoxyribonucleotide'
;(DT)(DC)(DA)(DT)(DT)(DA)(DA)(DA)(DG)(DC)(DC)(DG)(DC)(DC)(DA)(DC)(DA)(DA)(DA)(DA)
(DG)(DG)(DG)(DC)(DG)(DA)(DC)(DA)(DT)(DT)(DT)(DT)(DT)(DG)(DC)(DT)(DC)(DA)(DT)(DG)
(DC)(DC)(DT)(DA)(DT)
;
BO
78 'polydeoxyribonucleotide'
;(DT)(DA)(DA)(DA)(DG)(DC)(DT)(DA)(DT)(DA)(DA)(DT)(DA)(DC)(DT)(DC)(DA)(DA)(DA)(DG)
(DC)(DG)(DA)(DA)(DC)(DC)(DA)(DG)(DA)(DC)(DT)(DC)(DC)(DT)(DC)(DA)(DA)(DG)(DT)(DG)
(DA)(DA)(DA)(DG)(DT)
;
BP
79 'polydeoxyribonucleotide'
;(DA)(DA)(DT)(DC)(DG)(DG)(DT)(DT)(DC)(DC)(DT)(DT)(DT)(DT)(DG)(DA)(DT)(DA)(DA)(DG)
(DA)(DG)(DC)(DT)(DG)(DA)(DA)(DA)(DC)(DA)(DA)(DG)(DA)(DA)(DG)(DG)(DA)(DC)(DA)(DT)
(DC)(DG)(DA)(DG)(DA)
;
BQ
80 'polydeoxyribonucleotide'
;(DT)(DC)(DG)(DT)(DC)(DG)(DC)(DT)(DA)(DT)(DT)(DA)(DA)(DT)(DT)(DC)(DC)(DA)(DA)(DT)
(DC)(DG)(DC)(DT)(DT)(DG)(DG)(DG)(DT)(DT)(DA)(DA)(DC)(DA)(DG)(DC)(DC)(DA)
;
BR
81 'polydeoxyribonucleotide'
;(DA)(DA)(DT)(DT)(DT)(DT)(DC)(DC)(DC)(DT)(DT)(DA)(DG)(DT)(DT)(DT)(DT)(DT)(DT)(DA)
(DA)(DT)(DC)(DC)(DT)(DT)(DG)(DA)(DA)(DA)(DA)(DC)(DA)(DA)(DA)(DC)(DA)(DG)(DA)(DA)
(DT)(DC)(DA)(DT)(DC)(DA)(DA)(DT)
;
BS
82 'polydeoxyribonucleotide'
;(DC)(DC)(DA)(DC)(DC)(DA)(DC)(DA)(DG)(DG)(DC)(DA)(DG)(DG)(DT)(DC)(DA)(DA)(DA)(DA)
(DT)(DC)(DC)(DG)(DT)(DA)(DC)(DT)(DC)(DA)(DG)(DG)(DA)(DG)(DG)(DT)(DT)(DC)(DG)(DG)
(DG)(DT)(DA)(DA)(DA)(DC)(DG)(DA)(DA)(DA)(DG)(DA)
;
BT
83 'polydeoxyribonucleotide'
;(DC)(DC)(DC)(DT)(DC)(DA)(DG)(DA)(DA)(DA)(DC)(DC)(DG)(DC)(DC)(DT)(DC)(DC)(DC)(DT)
(DC)(DA)(DG)(DA)(DA)(DG)(DT)(DT)(DT)(DG)(DC)(DC)(DC)(DA)(DT)(DT)(DT)(DG)(DG)
;
BU
84 'polydeoxyribonucleotide'
;(DA)(DC)(DC)(DT)(DT)(DG)(DC)(DT)(DC)(DA)(DA)(DT)(DT)(DT)(DC)(DA)(DC)(DG)(DG)(DA)
(DT)(DT)(DC)(DG)(DC)(DC)(DT)(DG)(DA)(DT)(DT)(DG)
;
BV
85 'polydeoxyribonucleotide'
;(DA)(DC)(DC)(DA)(DC)(DC)(DG)(DG)(DA)(DC)(DC)(DG)(DC)(DC)(DA)(DC)(DC)(DC)(DT)(DC)
(DA)(DG)(DA)(DG)(DG)(DA)(DT)(DA)(DT)(DT)(DC)
;
BW
86 'polydeoxyribonucleotide'
;(DA)(DC)(DC)(DC)(DT)(DC)(DA)(DT)(DA)(DG)(DG)(DT)(DA)(DA)(DA)(DC)(DC)(DT)(DG)(DA)
(DC)(DT)(DA)(DT)(DA)(DA)(DA)(DT)(DC)(DA)(DT)(DA)(DG)(DC)(DG)(DT)(DC)(DC)(DA)(DA)
(DT)(DA)(DC)(DT)(DG)
;
BX
87 'polydeoxyribonucleotide'
;(DT)(DT)(DT)(DC)(DA)(DT)(DC)(DT)(DT)(DC)(DA)(DT)(DA)(DA)(DT)(DA)(DA)(DT)(DG)(DA)
(DA)(DA)(DG)(DC)(DG)(DA)(DG)(DA)(DG)(DG)(DC)(DT)(DT)(DT)(DT)(DG)(DC)(DA)(DT)(DA)
(DA)(DA)(DA)(DA)(DC)(DA)(DT)(DA)(DC)(DG)(DT)(DA)
;
BY
88 'polydeoxyribonucleotide'
;(DT)(DC)(DA)(DG)(DA)(DC)(DT)(DG)(DT)(DA)(DG)(DC)(DG)(DC)(DG)(DT)(DC)(DA)(DG)(DA)
(DG)(DC)(DC)(DA)(DA)(DA)(DG)(DG)(DT)(DG)(DA)(DA)(DT)(DA)(DT)(DG)(DG)(DT)(DG)(DA)
(DG)(DA)(DG)(DG)(DG)(DT)
;
BZ
89 'polydeoxyribonucleotide'
;(DC)(DT)(DT)(DT)(DA)(DG)(DC)(DG)(DA)(DG)(DT)(DA)(DG)(DC)(DG)(DA)(DC)(DA)(DG)(DA)
(DA)(DT)(DC)(DA)(DG)(DA)(DG)(DA)(DC)(DA)(DG)(DA)(DG)(DT)(DA)(DG)(DC)(DA)(DC)(DG)
(DA)(DA)(DT)(DT)(DA)(DG)
;
Ba
90 'polydeoxyribonucleotide'
;(DA)(DA)(DA)(DG)(DG)(DC)(DC)(DG)(DA)(DC)(DG)(DC)(DA)(DA)(DG)(DG)(DG)(DA)(DA)(DG)
(DG)(DT)(DA)(DA)(DA)(DT)(DA)(DT)(DT)(DG)(DA)(DA)(DG)(DT)(DA)(DA)(DT)(DT)
;
Bb
91 'polydeoxyribonucleotide'
;(DT)(DA)(DA)(DT)(DG)(DT)(DG)(DT)(DA)(DT)(DA)(DT)(DT)(DT)(DT)(DG)(DA)(DC)(DT)(DT)
(DC)(DA)(DA)(DA)(DT)(DA)(DT)(DC)(DG)(DC)(DA)(DA)(DC)(DA)(DT)(DG)(DT)(DT)(DG)(DC)
(DA)(DG)(DA)(DG)(DG)
;
Bc
92 'polydeoxyribonucleotide'
;(DA)(DC)(DA)(DT)(DT)(DT)(DA)(DA)(DA)(DT)(DA)(DA)(DA)(DT)(DT)(DA)(DT)(DC)(DT)(DA)
(DC)(DA)(DA)(DA)(DG)(DG)(DC)(DT)(DA)(DT)(DC)(DA)(DT)(DA)(DA)(DA)(DA)(DC)(DG)(DA)
(DT)(DG)(DG)(DC)(DG)(DA)(DA)(DA)
;
Bd
93 'polydeoxyribonucleotide'
;(DA)(DG)(DC)(DA)(DG)(DC)(DA)(DA)(DC)(DG)(DT)(DC)(DA)(DC)(DC)(DA)(DT)(DT)(DA)(DT)
(DC)(DA)(DA)(DG)(DA)(DA)(DC)(DC)(DG)(DC)(DC)(DA)(DC)(DC)(DC)(DT)(DC)(DA)(DG)(DC)
(DA)(DA)(DG)(DC)(DC)
;
Be
94 'polydeoxyribonucleotide'
;(DA)(DT)(DG)(DA)(DT)(DA)(DT)(DT)(DC)(DA)(DA)(DC)(DC)(DG)(DT)(DA)(DA)(DT)(DG)(DA)
(DC)(DC)(DA)(DT)(DT)(DA)(DT)(DA)(DG)(DT)(DT)(DA)(DA)(DT)(DT)(DT)(DA)(DG)
;
Bf
95 'polydeoxyribonucleotide'
;(DA)(DT)(DG)(DC)(DC)(DG)(DG)(DA)(DG)(DA)(DG)(DG)(DG)(DT)(DA)(DC)(DT)(DC)(DA)(DA)
(DA)(DT)(DG)(DT)(DT)(DT)(DC)(DA)(DT)(DC)(DG)(DA)(DG)(DA)(DA)(DT)(DC)(DG)
;
Bg
96 'polydeoxyribonucleotide'
;(DC)(DC)(DC)(DT)(DG)(DA)(DA)(DC)(DC)(DT)(DT)(DA)(DC)(DC)(DA)(DA)(DC)(DG)(DC)(DA)
(DA)(DT)(DA)(DA)(DT)(DA)(DA)(DC)(DG)(DG)(DA)(DA)(DG)(DA)(DA)(DA)(DC)(DG)(DC)(DA)
;
Bh
97 'polydeoxyribonucleotide'
;(DT)(DT)(DT)(DT)(DT)(DA)(DA)(DA)(DG)(DT)(DC)(DA)(DG)(DA)(DT)(DC)(DT)(DT)(DA)(DC)
(DC)(DG)(DA)(DA)(DG)(DC)(DT)(DT)(DT)(DT)(DT)(DT)(DT)(DT)(DT)(DT)(DC)(DC)(DT)(DT)
(DT)(DT)(DT)(DA)(DA)(DG)(DA)(DA)(DA)
;
Bi
98 'polydeoxyribonucleotide'
;(DT)(DA)(DA)(DT)(DA)(DT)(DC)(DA)(DG)(DA)(DG)(DA)(DG)(DA)(DT)(DA)(DA)(DA)(DG)(DA)
(DG)(DC)(DA)(DA)(DT)(DC)(DC)(DA)(DA)(DA)(DT)(DA)(DT)(DA)(DA)(DA)(DT)(DA)(DT)(DG)
(DT)(DA)(DA)(DT)(DG)(DC)(DT)(DG)
;
Bj
99 'polydeoxyribonucleotide'
;(DG)(DA)(DA)(DA)(DT)(DA)(DG)(DC)(DA)(DA)(DT)(DA)(DG)(DC)(DT)(DA)(DG)(DG)(DG)(DT)
(DA)(DA)(DT)(DC)(DT)(DG)(DA)(DA)(DC)(DA)
;
Bk
100 'polydeoxyribonucleotide'
;(DG)(DA)(DA)(DA)(DC)(DA)(DA)(DT)(DT)(DC)(DT)(DG)(DC)(DG)(DA)(DA)(DC)(DG)(DA)(DG)
(DT)(DA)(DG)(DA)(DA)(DT)(DG)(DG)(DT)(DC)(DA)(DA)(DG)(DC)(DT)(DG)(DA)(DG)(DA)(DA)
;
Bl
101 'polydeoxyribonucleotide'
;(DC)(DA)(DA)(DT)(DA)(DA)(DT)(DA)(DC)(DC)(DC)(DA)(DC)(DA)(DA)(DA)(DA)(DC)(DA)(DG)
(DG)(DG)(DA)(DA)(DG)(DC)(DG)(DC)(DA)(DT)(DC)(DC)(DT)(DA)(DA)(DT)(DT)(DT)
;
Bm
102 'polydeoxyribonucleotide'
;(DA)(DG)(DA)(DA)(DA)(DC)(DG)(DA)(DT)(DT)(DT)(DT)(DT)(DT)(DG)(DA)(DA)(DC)(DA)(DT)
(DA)(DA)(DA)(DG)(DA)(DA)(DT)(DT)(DG)(DA)(DC)(DC)(DT)(DT)(DT)(DA)(DC)(DA)(DT)(DT)
(DT)(DT)(DT)
;
Bn
103 'polydeoxyribonucleotide'
;(DT)(DT)(DT)(DA)(DA)(DC)(DG)(DT)(DC)(DA)(DA)(DA)(DA)(DT)(DT)(DT)(DT)(DT)(DT)(DA)
(DT)(DG)(DA)(DA)(DA)(DA)(DT)(DA)(DG)(DC)(DA)(DG)(DT)(DA)(DC)(DC)(DT)(DT)(DT)(DT)
(DT)(DT)(DT)(DT)(DT)
;
Bo
104 'polydeoxyribonucleotide'
;(DG)(DT)(DT)(DT)(DC)(DA)(DT)(DT)(DT)(DG)(DC)(DG)(DG)(DA)(DT)(DG)(DA)(DG)(DG)(DC)
(DA)(DA)(DG)(DG)(DC)(DA)(DA)(DA)(DG)(DA)(DA)(DT)(DT)(DA)(DG)(DC)(DA)(DA)(DA)(DA)
(DG)(DC)(DC)(DA)(DG)(DA)(DA)
;
Bp
105 'polydeoxyribonucleotide'
;(DT)(DT)(DT)(DT)(DC)(DC)(DA)(DT)(DA)(DT)(DA)(DA)(DT)(DT)(DT)(DG)(DG)(DG)(DG)(DC)
(DG)(DC)(DG)(DA)(DG)(DT)(DT)(DT)(DT)(DT)(DT)(DT)(DT)(DT)(DT)(DC)(DT)(DG)(DA)(DA)
(DA)(DA)(DG)(DG)(DT)(DG)(DG)(DC)
;
Bq
106 'polydeoxyribonucleotide'
;(DT)(DT)(DA)(DG)(DC)(DT)(DA)(DT)(DA)(DT)(DT)(DT)(DT)(DC)(DA)(DC)(DA)(DG)(DT)(DT)
(DG)(DA)(DT)(DT)(DC)(DT)(DG)(DG)(DA)(DA)(DA)(DG)(DT)(DA)(DA)(DG)(DC)(DA)
;
Br
107 'polydeoxyribonucleotide'
;(DA)(DG)(DA)(DT)(DA)(DC)(DA)(DT)(DT)(DT)(DC)(DG)(DC)(DA)(DA)(DT)(DT)(DT)(DA)(DG)
(DT)(DT)(DT)(DC)(DA)(DT)(DG)(DT)(DT)(DT)
;
Bs
108 'polydeoxyribonucleotide'
;(DT)(DT)(DA)(DT)(DC)(DA)(DA)(DA)(DA)(DT)(DC)(DA)(DT)(DT)(DT)(DT)(DT)(DT)(DT)(DA)
(DG)(DG)(DT)(DC)(DT)(DG)(DA)(DG)(DA)(DG)(DA)(DC)(DA)(DT)(DG)(DG)(DC)(DA)(DA)(DT)
(DT)(DT)(DT)(DT)(DT)
;
Bt
109 'polydeoxyribonucleotide'
;(DT)(DT)(DT)(DT)(DT)(DC)(DT)(DG)(DA)(DG)(DC)(DA)(DA)(DG)(DA)(DA)(DT)(DT)(DG)(DA)
(DG)(DG)(DA)(DA)(DG)(DG)(DT)(DT)(DT)(DT)(DT)(DT)(DT)(DT)(DT)(DT)(DT)(DT)(DA)(DT)
(DC)(DT)(DA)(DA)(DA)(DA)(DT)(DA)(DT)
;
Bu
110 'polydeoxyribonucleotide'
;(DC)(DG)(DC)(DG)(DC)(DA)(DG)(DA)(DC)(DA)(DA)(DC)(DT)(DA)(DA)(DT)(DC)(DG)(DG)(DC)
(DC)(DA)(DG)(DT)(DG)(DA)(DA)(DC)(DG)(DG)(DA)(DT)(DA)(DA)(DC)(DC)(DT)(DC)(DA)(DC)
;
Bv
111 'polydeoxyribonucleotide'
;(DA)(DT)(DT)(DC)(DA)(DT)(DT)(DA)(DA)(DA)(DA)(DC)(DA)(DA)(DA)(DA)(DT)(DT)(DA)(DA)
(DT)(DT)(DT)(DG)(DC)(DA)(DT)(DC)(DA)(DA)(DC)(DT)(DT)(DT)(DA)(DA)(DA)
;
Bw
112 'polydeoxyribonucleotide'
;(DT)(DC)(DA)(DA)(DT)(DT)(DA)(DC)(DT)(DT)(DT)(DT)(DA)(DC)(DA)(DT)(DT)(DA)(DC)(DA)
(DT)(DT)(DT)(DG)(DA)(DG)(DG)(DA)(DT)(DT)(DT)(DT)(DT)(DT)(DT)(DT)(DT)(DT)(DT)(DT)
(DT)(DA)(DG)(DA)(DA)(DG)(DT)(DA)(DT)(DT)(DA)(DG)
;
Bx
113 'polydeoxyribonucleotide'
;(DC)(DG)(DG)(DG)(DA)(DG)(DA)(DA)(DA)(DC)(DG)(DT)(DC)(DA)(DG)(DA)(DT)(DA)(DT)(DG)
(DT)(DG)(DA)(DG)(DT)(DG)(DA)(DA)(DT)(DA)
;
By
114 'polydeoxyribonucleotide'
;(DA)(DG)(DA)(DA)(DA)(DA)(DG)(DC)(DC)(DC)(DC)(DA)(DA)(DA)(DA)(DA)(DC)(DG)(DA)(DC)
(DA)(DA)(DC)(DT)(DA)(DG)(DA)(DT)(DT)(DA)(DG)(DA)(DT)(DT)(DT)(DT)(DG)(DA)(DA)(DT)
;
Bz
115 'polydeoxyribonucleotide'
;(DC)(DA)(DG)(DG)(DA)(DA)(DG)(DA)(DA)(DC)(DA)(DA)(DT)(DA)(DA)(DT)(DT)(DT)(DG)(DA)
(DA)(DT)(DT)(DA)(DC)(DC)(DT)(DT)(DT)(DT)
;
B0
116 'polydeoxyribonucleotide'
;(DA)(DT)(DG)(DA)(DA)(DT)(DA)(DT)(DT)(DA)(DG)(DA)(DT)(DT)(DT)(DT)(DG)(DT)(DT)(DA)
(DT)(DT)(DA)(DA)(DT)(DT)(DT)(DT)(DA)(DT)(DT)(DT)(DT)(DT)(DT)(DT)(DT)(DT)(DT)(DA)
(DA)(DA)(DG)(DT)(DT)(DT)(DG)(DA)(DG)(DT)(DA)(DA)
;
B1
117 'polydeoxyribonucleotide'
;(DG)(DT)(DA)(DA)(DA)(DC)(DG)(DT)(DA)(DG)(DG)(DG)(DT)(DT)(DA)(DT)(DC)(DC)(DA)(DA)
(DT)(DA)(DA)(DA)(DT)(DC)(DA)(DT)(DA)(DC)
;
B2
118 'polydeoxyribonucleotide'
;(DC)(DC)(DA)(DA)(DT)(DA)(DG)(DG)(DT)(DG)(DT)(DT)(DA)(DA)(DA)(DT)(DT)(DC)(DG)(DG)
(DC)(DC)(DT)(DC)(DA)(DC)(DC)(DG)(DC)(DT)(DT)(DC)(DC)(DA)(DG)(DC)(DA)(DA)(DC)(DC)
(DG)(DC)(DA)(DA)(DG)(DA)(DA)(DT)(DT)(DG)(DG)(DG)(DT)(DA)(DA)(DA)
;
B3
119 'polydeoxyribonucleotide'
;(DA)(DC)(DT)(DT)(DC)(DT)(DG)(DA)(DC)(DA)(DT)(DC)(DT)(DG)(DC)(DC)(DC)(DC)(DG)(DT)
(DC)(DG)(DG)(DA)(DA)(DA)(DG)(DG)(DG)(DA)(DA)(DG)(DA)(DA)(DA)(DG)(DC)(DG)(DA)(DA)
(DA)(DG)(DC)(DG)(DG)(DT)(DC)(DA)
;
B4
120 'polydeoxyribonucleotide'
;(DT)(DG)(DG)(DA)(DT)(DT)(DA)(DT)(DC)(DA)(DT)(DA)(DT)(DC)(DA)(DA)(DA)(DA)(DT)(DT)
(DA)(DT)(DT)(DT)(DT)(DT)(DG)(DT)(DA)(DT)(DA)
;
B5
121 'polydeoxyribonucleotide'
;(DG)(DA)(DT)(DT)(DG)(DT)(DT)(DG)(DA)(DG)(DT)(DC)(DA)(DA)(DT)(DA)(DG)(DT)(DG)(DA)
(DA)(DT)(DG)(DG)(DC)(DT)(DT)(DA)(DG)(DG)(DG)(DA)(DC)(DC)(DA)(DT)(DT)(DG)(DT)(DT)
(DA)(DA)(DG)(DC)(DC)
;
B6
122 'polydeoxyribonucleotide'
;(DT)(DT)(DT)(DT)(DT)(DA)(DA)(DC)(DG)(DC)(DC)(DA)(DT)(DA)(DA)(DC)(DG)(DG)(DC)(DG)
(DG)(DA)(DT)(DT)(DG)(DA)(DC)(DC)(DG)(DC)(DG)(DG)(DG)(DG)(DA)(DA)(DA)
;
B7
123 'polydeoxyribonucleotide'
;(DA)(DA)(DC)(DT)(DG)(DT)(DT)(DG)(DG)(DG)(DA)(DA)(DG)(DT)(DT)(DT)(DT)(DT)(DT)(DT)
(DT)(DT)(DT)(DG)(DG)(DC)(DG)(DA)(DT)(DC)(DG)(DG)(DT)(DG)(DC)(DG)(DT)(DC)(DG)(DT)
(DC)(DT)(DC)(DG)(DT)(DC)(DC)(DG)(DG)(DC)(DA)(DA)
;
B8
124 'polydeoxyribonucleotide'
;(DG)(DG)(DC)(DC)(DT)(DC)(DT)(DT)(DC)(DG)(DC)(DT)(DA)(DT)(DT)(DC)(DT)(DT)(DT)(DG)
(DA)(DA)(DT)(DG)(DA)(DT)(DA)(DA)(DT)(DC)(DT)(DG)(DA)(DC)(DC)(DC)(DT)(DG)
;
B9
125 'polydeoxyribonucleotide'
;(DA)(DC)(DG)(DC)(DC)(DA)(DG)(DC)(DG)(DC)(DC)(DA)(DT)(DT)(DC)(DG)(DC)(DA)(DC)(DA)
(DT)(DC)(DC)(DT)(DC)(DA)(DT)(DA)(DA)(DC)(DG)(DG)
;
CA
126 'polydeoxyribonucleotide'
;(DA)(DG)(DG)(DC)(DG)(DA)(DT)(DT)(DG)(DG)(DG)(DT)(DT)(DT)(DT)(DC)(DA)(DA)(DA)(DC)
(DG)(DT)(DA)(DC)(DA)(DG)(DC)(DG)(DC)(DC)(DA)(DT)
;
CB
127 'polydeoxyribonucleotide'
;(DG)(DG)(DG)(DG)(DG)(DA)(DT)(DG)(DT)(DG)(DC)(DT)(DG)(DC)(DA)(DA)(DG)(DA)(DA)(DT)
(DC)(DG)(DA)(DC)(DC)(DT)(DG)(DA)(DG)(DA)
;
CC
128 'polydeoxyribonucleotide'
;(DC)(DA)(DA)(DC)(DA)(DG)(DC)(DT)(DC)(DG)(DT)(DG)(DC)(DC)(DA)(DG)(DC)(DT)(DG)(DC)
(DT)(DT)(DT)(DT)(DT)(DT)(DT)(DT)(DT)(DT)(DA)(DT)(DT)(DA)(DA)(DT)(DG)(DA)(DA)(DT)
(DC)(DG)(DG)(DC)(DC)(DA)(DG)(DT)(DC)(DG)(DG)(DT)(DT)(DC)(DA)(DC)(DG)(DG)(DT)
;
CD
129 'polydeoxyribonucleotide'
;(DG)(DG)(DG)(DA)(DA)(DC)(DA)(DC)(DA)(DA)(DA)(DA)(DA)(DT)(DA)(DT)(DT)(DT)(DT)(DT)
(DA)(DA)(DA)(DT)(DC)(DA)(DA)(DT)(DT)(DC)(DT)(DA)(DC)(DT)(DA)(DA)(DT)(DG)(DT)(DA)
(DC)(DG)(DG)(DT)(DG)(DT)(DC)(DC)(DC)(DA)(DA)(DT)
;
CE
130 'polydeoxyribonucleotide'
;(DG)(DT)(DA)(DA)(DC)(DA)(DA)(DC)(DA)(DA)(DA)(DC)(DC)(DA)(DC)(DC)(DT)(DA)(DA)(DA)
(DC)(DA)(DG)(DG)(DA)(DG)(DG)(DC)(DC)(DG)(DA)(DT)(DG)(DC)(DC)(DG)(DC)(DG)(DC)(DT)
;
CF
131 'polydeoxyribonucleotide'
;(DG)(DG)(DG)(DC)(DG)(DC)(DC)(DA)(DG)(DG)(DA)(DT)(DC)(DC)(DC)(DC)(DG)(DG)(DG)(DT)
(DA)(DC)(DC)(DG)(DC)(DC)(DT)(DC)(DC)(DT)(DC)
;
CG
132 'polydeoxyribonucleotide'
;(DT)(DA)(DG)(DA)(DT)(DG)(DG)(DG)(DG)(DC)(DC)(DT)(DG)(DG)(DG)(DG)(DT)(DG)(DC)(DC)
(DT)(DA)(DA)(DT)(DA)(DA)(DG)(DC)(DA)(DC)(DT)(DA)(DG)(DA)(DG)(DC)(DT)(DT)(DG)(DA)
(DG)(DG)(DG)(DT)(DC)(DG)(DA)(DG)(DT)(DT)(DT)(DT)(DT)
;
CH
133 'polydeoxyribonucleotide'
;(DC)(DG)(DC)(DA)(DT)(DC)(DG)(DT)(DA)(DA)(DC)(DC)(DG)(DT)(DG)(DA)(DT)(DA)(DA)(DT)
(DG)(DG)(DA)(DA)(DT)(DT)(DC)(DG)(DC)(DG)
;
CI
134 'polydeoxyribonucleotide'
;(DA)(DT)(DC)(DA)(DT)(DC)(DA)(DT)(DA)(DT)(DT)(DC)(DC)(DT)(DT)(DT)(DT)(DT)(DT)(DT)
(DT)(DT)(DT)(DT)(DG)(DA)(DT)(DT)(DA)(DT)(DC)(DA)(DG)(DA)(DT)(DG)(DG)(DT)(DG)(DC)
(DT)(DT)(DT)(DC)(DT)(DT)(DT)(DT)(DT)
;
CJ
135 'polydeoxyribonucleotide'
;(DT)(DC)(DA)(DT)(DG)(DG)(DT)(DC)(DA)(DT)(DA)(DC)(DC)(DG)(DG)(DG)(DG)(DG)(DT)(DT)
(DT)(DT)(DT)(DT)(DT)(DT)(DT)(DT)(DT)(DT)(DT)(DC)(DT)(DG)(DC)(DC)(DA)(DG)(DC)(DA)
(DC)(DG)(DC)(DG)(DG)(DG)(DC)(DC)(DG)(DT)(DT)(DT)(DT)(DT)(DT)(DT)
;
CK
136 'polydeoxyribonucleotide'
;(DA)(DT)(DT)(DC)(DG)(DT)(DA)(DA)(DC)(DG)(DG)(DG)(DG)(DA)(DG)(DA)(DG)(DG)(DC)(DG)
(DG)(DT)(DT)(DT)(DC)(DA)(DC)(DC)(DA)(DG)(DT)
;
CL
137 'polydeoxyribonucleotide'
;(DA)(DG)(DG)(DA)(DA)(DG)(DA)(DT)(DC)(DA)(DA)(DC)(DA)(DT)(DA)(DC)(DG)(DA)(DG)(DC)
(DC)(DG)(DG)(DA)(DT)(DC)(DC)(DC)(DT)(DT)(DA)(DC)
;
CM
138 'polydeoxyribonucleotide'
;(DG)(DA)(DA)(DC)(DA)(DA)(DA)(DG)(DC)(DG)(DT)(DA)(DT)(DT)(DA)(DA)(DT)(DA)(DG)(DA)
(DA)(DC)(DG)(DT)(DC)(DA)(DG)(DC)(DG)(DT)(DG)(DG)(DG)(DC)(DA)(DA)(DA)(DT)(DT)(DA)
;
CN
139 'polydeoxyribonucleotide'
;(DA)(DT)(DC)(DC)(DT)(DT)(DT)(DG)(DC)(DC)(DC)(DG)(DA)(DA)(DC)(DC)(DA)(DG)(DG)(DT)
(DT)(DT)(DA)(DG)(DC)(DA)(DC)(DG)(DT)(DA)
;
CO
140 'polydeoxyribonucleotide'
;(DC)(DA)(DG)(DC)(DT)(DT)(DA)(DG)(DT)(DG)(DC)(DC)(DT)(DG)(DT)(DT)(DC)(DT)(DT)(DC)
(DG)(DC)(DG)(DT)(DC)(DC)(DG)(DT)(DG)(DA)(DG)(DA)(DG)(DC)(DT)(DC)(DG)(DA)(DT)(DG)
(DT)(DG)(DA)(DA)(DA)(DT)(DG)(DC)(DG)(DT)(DT)(DG)(DC)(DG)
;
CP
141 'polydeoxyribonucleotide'
;(DG)(DT)(DC)(DG)(DG)(DT)(DG)(DG)(DT)(DG)(DC)(DC)(DA)(DT)(DC)(DC)(DA)(DG)(DC)(DA)
(DT)(DC)(DA)(DG)(DC)(DA)(DG)(DA)(DT)(DG)(DC)(DC)(DC)(DC)(DC)(DT)(DG)(DC)(DA)(DT)
(DT)(DA)(DA)(DA)(DT)(DC)(DA)(DA)
;
CQ
142 'polydeoxyribonucleotide'
;(DT)(DG)(DC)(DT)(DG)(DG)(DT)(DC)(DT)(DT)(DT)(DT)(DA)(DG)(DA)(DG)(DG)(DG)(DA)(DC)
(DG)(DA)(DC)(DG)(DA)(DC)(DA)(DG)(DT)(DA)(DC)(DA)(DG)(DC)(DT)(DC)(DA)(DT)(DT)(DA)
(DA)(DT)(DA)(DT)(DT)
;
CR
143 'polydeoxyribonucleotide'
;(DT)(DG)(DT)(DT)(DA)(DT)(DC)(DC)(DA)(DA)(DC)(DG)(DG)(DC)(DA)(DT)(DC)(DG)(DG)(DG)
(DG)(DT)(DC)(DA)(DG)(DC)(DG)(DC)(DG)(DG)(DT)(DT)(DC)(DA)(DG)(DA)(DC)(DG)(DA)(DT)
(DC)(DC)(DA)(DG)(DC)(DG)(DC)(DA)
;
CS
144 'polydeoxyribonucleotide'
;(DG)(DC)(DT)(DC)(DA)(DC)(DA)(DA)(DC)(DA)(DG)(DC)(DA)(DC)(DC)(DA)(DC)(DA)(DG)(DT)
(DT)(DG)(DA)(DA)(DG)(DC)(DC)(DA)(DG)(DC)(DT)(DT)(DT)(DC)(DC)(DG)(DG)(DC)
;
CT
145 'polydeoxyribonucleotide'
;(DA)(DG)(DC)(DA)(DT)(DA)(DA)(DA)(DT)(DG)(DG)(DT)(DC)(DA)(DG)(DT)(DG)(DG)(DT)(DG)
(DC)(DC)(DG)(DG)(DA)(DA)(DA)(DC)(DC)(DA)
;
CU
146 'polydeoxyribonucleotide'
;(DC)(DA)(DG)(DG)(DA)(DA)(DC)(DG)(DG)(DT)(DA)(DC)(DG)(DC)(DC)(DA)(DA)(DG)(DG)(DC)
(DC)(DA)(DC)(DC)(DA)(DC)(DC)(DG)(DT)(DT)(DG)(DT)
;
CV
147 'polydeoxyribonucleotide'
;(DT)(DA)(DG)(DA)(DA)(DG)(DA)(DA)(DC)(DT)(DC)(DG)(DT)(DT)(DA)(DG)(DA)(DC)(DT)(DA)
(DT)(DG)(DG)(DT)(DC)(DG)(DT)(DA)(DT)(DA)(DA)(DC)(DG)(DG)(DC)(DG)(DC)(DT)(DG)(DG)
(DC)(DA)(DA)(DG)(DT)(DG)(DT)
;
CW
148 'polydeoxyribonucleotide'
;(DT)(DT)(DT)(DT)(DG)(DA)(DA)(DA)(DC)(DC)(DT)(DG)(DT)(DC)(DC)(DA)(DG)(DT)(DT)(DT)
(DG)(DG)(DA)(DA)(DC)(DT)(DT)(DT)(DT)(DT)(DT)(DT)(DT)(DT)(DT)(DA)(DA)(DG)(DA)(DG)
(DT)(DC)(DC)(DA)(DC)(DT)(DA)(DT)
;
CX
149 'polydeoxyribonucleotide'
;(DG)(DC)(DC)(DT)(DG)(DG)(DC)(DC)(DC)(DT)(DG)(DA)(DG)(DA)(DG)(DA)(DC)(DC)(DA)(DG)
(DC)(DA)(DG)(DG)(DA)(DA)(DA)(DG)(DG)(DG)(DC)(DG)(DA)(DC)(DG)(DT)(DG)(DA)(DA)(DC)
(DG)(DC)(DG)(DG)(DT)(DA)(DT)(DG)
;
CY
150 'polydeoxyribonucleotide'
;(DA)(DA)(DG)(DC)(DG)(DG)(DT)(DT)(DA)(DA)(DT)(DG)(DG)(DG)(DA)(DG)(DG)(DG)(DT)(DG)
(DG)(DT)(DT)(DT)(DT)(DT)(DC)(DT)(DT)(DT)(DT)(DG)(DC)(DG)(DT)(DA)(DT)(DT)(DC)(DA)
(DT)(DT)(DA)(DA)(DT)(DT)
;
CZ
151 'polydeoxyribonucleotide'
;(DG)(DC)(DC)(DG)(DG)(DC)(DG)(DA)(DC)(DC)(DG)(DA)(DT)(DT)(DT)(DA)(DA)(DA)(DT)(DC)
(DG)(DG)(DA)(DA)(DC)(DC)(DC)(DT)(DA)(DA)(DA)(DG)(DA)(DT)(DA)(DA)(DA)(DC)(DA)
;
Ca
152 'polydeoxyribonucleotide'
;(DA)(DG)(DG)(DA)(DG)(DC)(DG)(DG)(DC)(DG)(DG)(DG)(DA)(DG)(DC)(DA)(DG)(DA)(DA)(DG)
(DG)(DA)(DG)(DC)(DG)(DG)(DA)(DA)(DT)(DT)(DA)(DT)(DA)(DA)(DT)(DC)(DC)(DT)(DC)(DA)
(DT)(DC)(DA)(DA)(DC)
;
Cb
153 'polydeoxyribonucleotide'
;(DT)(DG)(DG)(DT)(DG)(DG)(DT)(DT)(DG)(DA)(DT)(DT)(DG)(DC)(DC)(DC)(DT)(DT)(DC)(DA)
(DC)(DC)(DG)(DA)(DG)(DA)(DC)(DG)(DG)(DG)
;
Cc
154 'polydeoxyribonucleotide'
;(DC)(DG)(DC)(DT)(DG)(DC)(DG)(DC)(DG)(DT)(DA)(DA)(DC)(DC)(DA)(DC)(DG)(DG)(DA)(DG)
(DC)(DC)(DC)(DA)(DC)(DG)(DT)(DG)(DG)(DC)(DG)(DG)(DT)(DG)(DT)(DA)(DA)(DA)
;
Cd
155 'polydeoxyribonucleotide'
;(DG)(DT)(DG)(DG)(DA)(DC)(DT)(DC)(DT)(DC)(DA)(DC)(DT)(DG)(DC)(DC)(DC)(DG)(DC)(DT)
(DT)(DT)(DC)(DC)(DA)(DA)(DC)(DG)(DC)(DG)
;
Ce
156 'polydeoxyribonucleotide'
;(DC)(DC)(DA)(DA)(DC)(DG)(DT)(DC)(DC)(DG)(DA)(DA)(DA)(DA)(DT)(DC)(DA)(DT)(DC)(DC)
(DC)(DT)(DT)(DA)(DC)(DA)(DT)(DC)(DA)(DC)(DC)(DC)(DA)(DA)(DA)(DT)(DC)(DA)(DA)(DG)
;
Cf
157 'polydeoxyribonucleotide'
;(DT)(DA)(DA)(DT)(DG)(DC)(DG)(DC)(DC)(DG)(DC)(DT)(DA)(DC)(DA)(DG)(DA)(DT)(DC)(DA)
(DG)(DT)(DG)(DG)(DA)(DA)(DT)(DC)(DC)(DT)(DG)(DG)(DG)(DA)(DC)(DT)(DT)(DG)
;
Cg
158 'polydeoxyribonucleotide'
;(DG)(DG)(DC)(DG)(DC)(DG)(DT)(DA)(DA)(DT)(DC)(DA)(DG)(DA)(DG)(DG)(DC)(DG)(DC)(DT)
(DA)(DG)(DA)(DT)(DT)(DA)(DA)(DA)(DT)(DG)(DT)(DG)(DA)(DG)(DC)(DG)(DA)(DC)(DC)(DA)
(DG)(DC)(DT)(DT)(DT)
;
Ch
159 'polydeoxyribonucleotide'
;(DC)(DT)(DG)(DT)(DG)(DG)(DT)(DG)(DC)(DT)(DG)(DC)(DG)(DT)(DT)(DT)(DT)(DT)(DT)(DT)
(DT)(DT)(DT)(DG)(DC)(DC)(DA)(DG)(DA)(DA)(DT)(DG)(DC)(DG)(DG)(DC)(DT)(DG)(DC)(DG)
(DC)(DG)(DC)(DC)(DT)(DT)(DT)(DT)
;
Ci
160 'polydeoxyribonucleotide'
;(DA)(DC)(DT)(DG)(DG)(DT)(DG)(DT)(DG)(DC)(DC)(DC)(DT)(DG)(DC)(DG)(DG)(DT)(DG)(DC)
(DC)(DG)(DT)(DA)(DG)(DG)(DG)(DC)(DG)(DA)(DT)(DG)(DG)(DC)(DC)(DC)(DA)(DC)(DT)(DA)
(DA)(DA)(DA)(DA)(DC)(DC)(DG)(DA)(DA)(DT)(DC)(DG)(DT)(DT)
;
Cj
161 'polydeoxyribonucleotide'
;(DG)(DA)(DG)(DT)(DA)(DA)(DA)(DA)(DG)(DA)(DG)(DT)(DC)(DT)(DG)(DT)(DC)(DA)(DC)(DA)
(DC)(DC)(DC)(DT)(DA)(DA)(DA)(DG)(DG)(DG)(DA)(DA)(DG)(DA)(DA)(DA)(DG)(DG)(DT)(DT)
(DC)(DT)(DC)(DC)(DG)(DT)
;
Ck
162 'polydeoxyribonucleotide'
;(DG)(DC)(DT)(DT)(DT)(DC)(DG)(DG)(DC)(DC)(DA)(DA)(DC)(DG)(DG)(DT)(DT)(DC)(DC)(DA)
(DC)(DA)(DC)(DG)(DC)(DA)(DC)(DT)(DC)(DC)(DT)(DA)(DG)(DG)(DT)(DC)(DA)(DC)(DG)(DT)
(DT)(DG)(DG)(DT)(DG)
;
Cl
163 'polydeoxyribonucleotide'
;(DG)(DG)(DT)(DT)(DT)(DC)(DT)(DT)(DT)(DG)(DC)(DT)(DC)(DG)(DT)(DC)(DA)(DA)(DA)(DT)
(DA)(DC)(DC)(DA)(DG)(DC)(DC)(DT)(DC)(DC)(DG)(DC)(DG)(DT)(DT)(DT)(DT)(DT)
;
Cm
164 'polydeoxyribonucleotide'
;(DA)(DG)(DC)(DA)(DA)(DT)(DA)(DC)(DC)(DC)(DA)(DG)(DC)(DC)(DA)(DA)(DA)(DC)(DG)(DT)
(DG)(DC)(DC)(DA)(DC)(DA)(DA)(DT)(DA)(DT)(DG)(DC)(DC)(DG)(DT)(DC)(DA)(DA)(DT)(DA)
(DG)(DA)(DT)(DA)(DA)
;
Cn
165 'polydeoxyribonucleotide'
;(DT)(DT)(DC)(DT)(DT)(DT)(DG)(DT)(DA)(DA)(DT)(DA)(DT)(DC)(DC)(DA)(DG)(DA)(DA)(DG)
(DT)(DG)(DC)(DA)(DT)(DT)(DA)(DT)(DC)(DA)(DT)(DT)(DT)(DT)(DG)(DC)(DG)
;
Co
166 'polydeoxyribonucleotide'
;(DG)(DT)(DG)(DT)(DC)(DA)(DC)(DC)(DG)(DG)(DC)(DT)(DG)(DG)(DA)(DG)(DG)(DT)(DG)(DT)
(DC)(DC)(DC)(DA)(DC)(DG)(DC)(DA)(DA)(DC)(DT)(DT)(DT)(DC)(DC)(DT)(DG)
;
Cp
167 'polydeoxyribonucleotide'
;(DT)(DT)(DT)(DT)(DT)(DG)(DC)(DT)(DG)(DG)(DT)(DA)(DA)(DC)(DA)(DC)(DT)(DC)(DA)(DA)
(DT)(DC)(DC)(DG)(DC)(DC)(DG)(DG)(DT)(DT)(DG)(DC)(DA)(DG)(DG)(DC)
;
Cq
168 'polydeoxyribonucleotide'
;(DA)(DG)(DC)(DC)(DG)(DG)(DG)(DT)(DC)(DA)(DC)(DT)(DG)(DT)(DT)(DG)(DT)(DT)(DC)(DA)
(DG)(DC)(DA)(DT)(DC)(DT)(DA)(DT)(DC)(DA)(DG)(DA)(DG)(DT)(DG)(DA)(DG)(DC)
;
Cr
169 'polydeoxyribonucleotide'
;(DT)(DA)(DG)(DG)(DG)(DT)(DT)(DG)(DT)(DG)(DT)(DG)(DC)(DA)(DC)(DT)(DA)(DG)(DC)(DG)
(DG)(DT)(DG)(DC)(DC)(DG)(DG)(DT)(DG)(DC)(DC)(DG)(DG)(DG)(DT)(DT)(DA)(DC)(DC)
;
Cs
170 'polydeoxyribonucleotide'
;(DA)(DA)(DG)(DA)(DA)(DT)(DA)(DG)(DC)(DC)(DC)(DG)(DA)(DG)(DA)(DT)(DA)(DA)(DA)(DG)
(DA)(DA)(DC)(DT)(DG)(DC)(DA)(DG)(DC)(DC)(DC)(DA)(DT)(DA)(DG)(DC)(DT)(DG)
;
Ct
171 'polydeoxyribonucleotide'
;(DT)(DT)(DT)(DT)(DT)(DA)(DG)(DT)(DG)(DT)(DT)(DG)(DT)(DT)(DC)(DC)(DG)(DA)(DA)(DA)
(DT)(DC)(DG)(DG)(DC)(DA)(DA)(DA)(DC)(DT)(DG)(DT)(DT)(DT)(DG)(DA)
;
Cu
172 'polydeoxyribonucleotide'
;(DT)(DT)(DT)(DT)(DT)(DT)(DG)(DC)(DC)(DA)(DC)(DG)(DC)(DT)(DG)(DG)(DT)(DT)(DT)(DG)
(DC)(DC)(DG)(DT)(DT)(DG)(DC)(DA)(DG)(DC)(DT)(DA)(DA)(DC)(DT)(DC)(DA)
;
Cv
173 'polydeoxyribonucleotide'
;(DT)(DT)(DG)(DC)(DA)(DA)(DC)(DA)(DG)(DT)(DC)(DA)(DC)(DA)(DC)(DG)(DA)(DC)(DC)(DA)
(DG)(DT)(DA)(DA)(DG)(DA)(DA)(DC)(DC)(DA)(DC)
;
Cw
174 'polydeoxyribonucleotide'
;(DT)(DA)(DA)(DA)(DA)(DG)(DG)(DT)(DG)(DG)(DC)(DA)(DC)(DA)(DG)(DA)(DG)(DA)(DA)(DC)
(DA)(DA)(DA)(DC)(DT)(DT)(DT)(DA)(DC)(DA)(DA)(DA)(DC)(DA)(DA)(DT)(DT)
;
Cx
175 'polydeoxyribonucleotide'
;(DG)(DT)(DC)(DT)(DT)(DT)(DA)(DA)(DG)(DC)(DC)(DA)(DG)(DA)(DG)(DC)(DC)(DA)(DT)(DT)
(DC)(DA)(DG)(DG)(DC)(DT)(DG)(DC)(DG)(DC)(DC)(DC)(DC)(DC)(DG)(DG)(DT)(DT)(DT)(DG)
(DA)(DA)(DC)(DG)(DG)
;
Cy
176 'polydeoxyribonucleotide'
;(DT)(DT)(DT)(DT)(DT)(DT)(DC)(DG)(DC)(DT)(DG)(DG)(DC)(DT)(DA)(DC)(DA)(DT)(DT)(DT)
(DT)(DA)(DA)(DA)(DT)(DG)(DG)(DA)(DT)(DT)(DA)(DT)(DT)(DT)(DA)(DC)(DA)(DG)(DG)(DC)
(DG)(DG)(DT)(DC)(DA)(DC)(DG)(DC)(DG)(DG)(DT)(DC)
;
Cz
177 'polydeoxyribonucleotide'
;(DC)(DC)(DT)(DT)(DC)(DT)(DG)(DA)(DC)(DT)(DT)(DG)(DC)(DT)(DG)(DG)(DA)(DT)(DT)(DA)
(DG)(DT)(DA)(DA)(DT)(DA)(DA)(DC)(DA)(DT)(DT)(DT)(DT)(DT)(DT)(DT)(DT)(DT)(DT)(DT)
(DC)(DA)(DC)(DT)(DT)(DG)(DC)(DC)(DT)(DG)(DA)(DG)(DT)(DT)(DT)(DT)(DT)(DA)(DT)(DA)
;
C0
178 'polydeoxyribonucleotide'
;(DA)(DC)(DT)(DT)(DT)(DC)(DT)(DC)(DC)(DG)(DG)(DC)(DC)(DT)(DT)(DT)(DA)(DG)(DT)(DG)
(DA)(DT)(DG)(DA)(DA)(DG)(DG)(DG)(DT)(DA)(DA)(DA)(DC)(DT)(DT)(DA)(DA)(DA)(DT)(DG)
(DA)(DG)(DA)(DC)(DG)(DC)(DA)
;
C1
179 'polydeoxyribonucleotide'
;(DA)(DA)(DT)(DT)(DT)(DG)(DT)(DG)(DA)(DG)(DA)(DG)(DA)(DT)(DA)(DG)(DC)(DG)(DG)(DA)
(DA)(DA)(DA)(DA)(DT)(DT)(DC)(DT)(DG)(DC)(DT)(DC)
;
C2
180 'polydeoxyribonucleotide'
;(DA)(DT)(DC)(DG)(DG)(DC)(DG)(DC)(DC)(DA)(DG)(DT)(DC)(DA)(DC)(DG)(DA)(DC)(DG)(DT)
(DT)(DG)(DG)(DG)(DT)(DC)(DA)(DT)(DT)(DG)(DA)(DC)(DC)(DA)(DA)(DG)(DT)
;
C3
181 'polydeoxyribonucleotide'
;(DT)(DT)(DT)(DT)(DT)(DG)(DT)(DT)(DG)(DA)(DA)(DA)(DG)(DC)(DT)(DC)(DA)(DA)(DT)(DC)
(DA)(DA)(DT)(DA)(DT)(DC)(DT)(DT)(DT)(DT)(DT)(DT)(DT)(DT)(DT)(DT)(DT)(DG)(DG)(DT)
(DC)(DA)(DG)(DT)(DT)(DG)(DG)(DC)(DA)(DT)(DA)(DC)(DC)(DG)(DA)(DA)(DC)
;
C4
182 'polydeoxyribonucleotide'
;(DT)(DT)(DT)(DT)(DT)(DA)(DA)(DA)(DA)(DA)(DA)(DG)(DC)(DT)(DT)(DG)(DG)(DG)(DC)(DG)
(DG)(DA)(DT)(DA)(DA)(DA)(DA)(DA)(DA)(DA)(DA)(DG)(DG)(DG)(DA)(DT)(DA)(DG)(DC)(DT)
(DC)(DT)(DC)(DA)
;
C5
183 'polydeoxyribonucleotide'
;(DA)(DC)(DT)(DG)(DA)(DT)(DA)(DG)(DG)(DG)(DC)(DT)(DA)(DT)(DT)(DA)(DA)(DT)(DT)(DC)
(DA)(DC)(DC)(DA)(DG)(DG)(DA)(DA)(DA)(DA)(DA)(DC)(DG)(DC)(DT)(DC)(DA)(DT)(DG)(DG)
(DC)(DC)(DA)(DT)(DC)(DA)(DC)
;
C6
184 'polydeoxyribonucleotide'
;(DC)(DC)(DC)(DT)(DA)(DA)(DA)(DA)(DC)(DA)(DG)(DC)(DA)(DG)(DA)(DA)(DT)(DG)(DC)(DT)
(DG)(DA)(DA)(DC)(DC)(DT)(DC)(DA)(DA)(DA)(DT)(DA)(DT)(DC)(DA)(DA)(DA)(DC)(DC)(DG)
(DT)(DG)(DG)(DA)(DG)(DC)(DC)
;
C7
185 'polydeoxyribonucleotide'
;(DC)(DA)(DT)(DC)(DG)(DC)(DC)(DA)(DG)(DC)(DC)(DA)(DC)(DG)(DG)(DG)(DC)(DC)(DA)(DA)
(DG)(DC)(DT)(DT)(DT)(DC)(DA)(DG)(DA)(DG)(DG)(DC)(DT)(DA)(DT)(DT)(DT)(DT)
;
C8
186 'polydeoxyribonucleotide'
;(DT)(DT)(DA)(DA)(DA)(DA)(DA)(DC)(DT)(DT)(DT)(DA)(DG)(DG)(DA)(DG)(DC)(DA)(DC)(DT)
(DA)(DA)(DG)(DG)(DC)(DG)(DA)(DA)(DT)(DT)(DT)(DG)(DA)(DG)(DA)(DG)(DA)
;
C9
187 'polydeoxyribonucleotide'
;(DA)(DA)(DT)(DC)(DA)(DA)(DC)(DA)(DA)(DG)(DA)(DA)(DT)(DA)(DC)(DG)(DG)(DA)(DC)(DA)
(DT)(DT)(DC)(DT)(DG)(DG)(DC)(DC)(DA)(DT)(DT)(DT)(DT)(DT)(DT)(DT)(DT)(DT)(DT)(DA)
(DC)(DA)(DG)(DA)(DG)(DA)(DT)(DA)(DG)(DA)(DA)(DC)(DT)(DA)(DT)(DT)(DA)(DC)(DC)(DG)
;
DA
188 'polydeoxyribonucleotide'
;(DA)(DT)(DT)(DT)(DG)(DC)(DC)(DG)(DC)(DC)(DA)(DG)(DC)(DA)(DG)(DC)(DG)(DC)(DA)(DC)
(DA)(DG)(DG)(DC)(DG)(DT)(DG)(DG)(DT)(DG)(DA)(DT)(DC)(DC)(DC)(DG)(DT)(DA)(DT)(DT)
(DT)(DT)(DT)
;
DB
189 'polydeoxyribonucleotide'
;(DA)(DG)(DT)(DA)(DT)(DT)(DA)(DA)(DA)(DG)(DC)(DA)(DG)(DC)(DA)(DA)(DA)(DT)(DG)(DA)
(DA)(DA)(DA)(DA)(DT)(DC)(DT)(DA)(DA)(DA)(DG)(DC)(DG)(DG)(DA)(DA)(DA)(DC)(DA)(DT)
(DG)(DC)(DG)(DC)(DG)(DA)
;
DC
190 'polydeoxyribonucleotide'
;(DG)(DA)(DA)(DA)(DC)(DA)(DG)(DC)(DG)(DC)(DC)(DA)(DC)(DG)(DC)(DG)(DT)(DT)(DT)(DA)
(DC)(DC)(DA)(DG)(DA)(DT)(DG)(DC)(DT)(DG)(DA)(DT)(DT)(DG)(DC)(DC)(DG)(DT)
;
DD
191 'polydeoxyribonucleotide'
;(DT)(DG)(DA)(DG)(DA)(DG)(DC)(DC)(DC)(DA)(DC)(DC)(DG)(DC)(DC)(DT)(DG)(DC)(DA)(DA)
(DC)(DA)(DG)(DT)(DG)(DG)(DA)(DT)(DC)(DA)(DA)(DA)(DG)(DT)(DT)(DA)(DA)(DA)(DC)(DG)
(DT)(DC)(DC)(DC)(DG)(DG)
;
DE
192 'polydeoxyribonucleotide'
;(DC)(DA)(DT)(DC)(DA)(DC)(DC)(DT)(DG)(DA)(DT)(DA)(DA)(DA)(DA)(DC)(DA)(DG)(DA)(DG)
(DG)(DT)(DG)(DA)(DT)(DT)(DG)(DG)(DC)(DA)(DG)
;
DF
#